data_7Z6Z
#
_entry.id   7Z6Z
#
_cell.length_a   72.575
_cell.length_b   77.800
_cell.length_c   81.592
_cell.angle_alpha   88.921
_cell.angle_beta   64.616
_cell.angle_gamma   74.805
#
_symmetry.space_group_name_H-M   'P 1'
#
loop_
_entity.id
_entity.type
_entity.pdbx_description
1 polymer 'Angiotensin-converting enzyme, soluble form'
2 branched 2-acetamido-2-deoxy-beta-D-glucopyranose-(1-4)-2-acetamido-2-deoxy-beta-D-glucopyranose
3 branched beta-D-mannopyranose-(1-4)-2-acetamido-2-deoxy-beta-D-glucopyranose-(1-4)-[alpha-L-fucopyranose-(1-6)]2-acetamido-2-deoxy-beta-D-glucopyranose
4 branched alpha-L-fucopyranose-(1-6)-2-acetamido-2-deoxy-beta-D-glucopyranose
5 branched 2-acetamido-2-deoxy-beta-D-glucopyranose-(1-4)-[alpha-L-fucopyranose-(1-6)]2-acetamido-2-deoxy-beta-D-glucopyranose
6 non-polymer fosinoprilat
7 non-polymer DI(HYDROXYETHYL)ETHER
8 non-polymer 'TRIETHYLENE GLYCOL'
9 non-polymer 'TETRAETHYLENE GLYCOL'
10 non-polymer 'ACETATE ION'
11 non-polymer 1,2-ETHANEDIOL
12 non-polymer 'ZINC ION'
13 non-polymer 'CHLORIDE ION'
14 non-polymer 'CALCIUM ION'
15 non-polymer 'SODIUM ION'
16 non-polymer 2-acetamido-2-deoxy-beta-D-glucopyranose
17 water water
#
_entity_poly.entity_id   1
_entity_poly.type   'polypeptide(L)'
_entity_poly.pdbx_seq_one_letter_code
;LDPGLQPGQFSADEAGAQLFAQSYQSSAEQVLFQSVAASWAHDTNITAENARRQEEAALLSQEFAEAWGQKAKELYEPIW
QQFTDPQLRRIIGAVRTLGSANLPLAKRQQYNALLSQMSRIYSTAKVCLPQKTATCWSLDPDLTNILASSRSYAMLLFAW
EGWHNAAGIPLKPLYEDFTALSNEAYKQDGFTDTGAYWRSWYNSPTFEDDLEHLYQQLEPLYLNLHAFVRRALHRRYGDR
YINLRGPIPAHLLGDMWAQSWENIYDMVVPFPDKPNLDVTSTMLQQGWQATHMFRVAEEFFTSLELSPMPPEFWEGSMLE
KPADGREVVCHASAWDFYNRKDFRIKQCTRVTMDQLSTVHHEMGHIQYYLQYKDLPVSLRRGANPGFHEAIGDVLALSVS
TPEHLHKIGLLDRVTNDTESDINYLLKMALEKIAFLPFGYLVDQWRWGVFSGRTPPSRYNFDWWYLRTKYQGICPPVTRN
ETHFDAGAKFHVPNVTPYIRYFVSFVLQFQFHEALCKEAGYEGPLHQCDIYRSTKAGAKLRKVLRAGSSRPWQEVLKDMV
GLDALDAQPLLKYFQLVTQWLQEQNQQNGEVLGWPEYQWHPPLPDNYPEGIDLVTDEAEASKFVEEYD
;
_entity_poly.pdbx_strand_id   A,B
#
# COMPACT_ATOMS: atom_id res chain seq x y z
N LEU A 1 6.52 13.21 -42.13
CA LEU A 1 5.11 12.74 -42.39
C LEU A 1 4.73 13.06 -43.83
N ASP A 2 4.20 12.06 -44.54
CA ASP A 2 3.85 12.24 -45.93
C ASP A 2 2.93 13.45 -46.10
N PRO A 3 3.09 14.25 -47.15
CA PRO A 3 2.20 15.41 -47.32
C PRO A 3 0.73 15.06 -47.25
N GLY A 4 0.32 13.95 -47.86
CA GLY A 4 -1.09 13.58 -47.84
C GLY A 4 -1.63 13.24 -46.46
N LEU A 5 -0.75 13.04 -45.48
CA LEU A 5 -1.16 12.67 -44.14
C LEU A 5 -1.11 13.86 -43.17
N GLN A 6 -0.78 15.03 -43.64
CA GLN A 6 -0.60 16.17 -42.77
C GLN A 6 -1.91 16.95 -42.61
N PRO A 7 -2.14 17.55 -41.45
CA PRO A 7 -3.35 18.35 -41.28
C PRO A 7 -3.25 19.68 -42.02
N GLY A 8 -4.34 20.05 -42.65
CA GLY A 8 -4.45 21.38 -43.23
C GLY A 8 -4.97 22.36 -42.21
N GLN A 9 -5.42 23.49 -42.70
CA GLN A 9 -6.05 24.50 -41.87
C GLN A 9 -7.57 24.31 -41.92
N PHE A 10 -8.20 24.47 -40.78
CA PHE A 10 -9.65 24.43 -40.65
C PHE A 10 -10.07 25.64 -39.83
N SER A 11 -11.33 26.04 -39.97
CA SER A 11 -11.81 27.15 -39.17
C SER A 11 -11.85 26.75 -37.70
N ALA A 12 -11.59 27.72 -36.83
CA ALA A 12 -11.51 27.48 -35.39
C ALA A 12 -12.90 27.59 -34.75
N ASP A 13 -13.80 26.73 -35.21
CA ASP A 13 -15.18 26.68 -34.73
C ASP A 13 -15.67 25.24 -34.89
N GLU A 14 -16.90 24.98 -34.43
CA GLU A 14 -17.40 23.60 -34.43
C GLU A 14 -17.62 23.05 -35.84
N ALA A 15 -18.13 23.89 -36.76
CA ALA A 15 -18.24 23.48 -38.15
C ALA A 15 -16.87 23.09 -38.71
N GLY A 16 -15.84 23.86 -38.38
CA GLY A 16 -14.51 23.51 -38.84
C GLY A 16 -13.97 22.26 -38.16
N ALA A 17 -14.34 22.07 -36.90
CA ALA A 17 -13.87 20.87 -36.19
C ALA A 17 -14.49 19.60 -36.79
N GLN A 18 -15.74 19.68 -37.23
CA GLN A 18 -16.36 18.55 -37.94
C GLN A 18 -15.54 18.16 -39.15
N LEU A 19 -15.15 19.16 -39.96
CA LEU A 19 -14.36 18.89 -41.15
C LEU A 19 -12.97 18.40 -40.78
N PHE A 20 -12.39 18.98 -39.73
CA PHE A 20 -11.10 18.50 -39.22
C PHE A 20 -11.18 17.03 -38.83
N ALA A 21 -12.27 16.64 -38.15
CA ALA A 21 -12.40 15.26 -37.71
C ALA A 21 -12.56 14.32 -38.90
N GLN A 22 -13.31 14.74 -39.93
CA GLN A 22 -13.44 13.93 -41.13
C GLN A 22 -12.10 13.75 -41.83
N SER A 23 -11.30 14.82 -41.89
CA SER A 23 -10.00 14.75 -42.55
C SER A 23 -9.03 13.89 -41.75
N TYR A 24 -9.05 14.04 -40.42
CA TYR A 24 -8.27 13.17 -39.54
C TYR A 24 -8.57 11.70 -39.80
N GLN A 25 -9.86 11.35 -39.84
CA GLN A 25 -10.26 9.96 -40.02
C GLN A 25 -9.65 9.38 -41.28
N SER A 26 -9.69 10.13 -42.39
CA SER A 26 -9.21 9.62 -43.65
C SER A 26 -7.73 9.22 -43.55
N SER A 27 -6.92 10.10 -42.95
CA SER A 27 -5.49 9.82 -42.86
C SER A 27 -5.17 8.85 -41.73
N ALA A 28 -5.92 8.91 -40.64
CA ALA A 28 -5.66 8.01 -39.50
C ALA A 28 -5.82 6.54 -39.91
N GLU A 29 -6.85 6.23 -40.72
CA GLU A 29 -7.04 4.85 -41.14
C GLU A 29 -5.80 4.34 -41.86
N GLN A 30 -5.19 5.18 -42.70
CA GLN A 30 -3.99 4.77 -43.43
C GLN A 30 -2.84 4.54 -42.47
N VAL A 31 -2.66 5.43 -41.50
CA VAL A 31 -1.53 5.32 -40.58
C VAL A 31 -1.73 4.14 -39.63
N LEU A 32 -2.95 3.96 -39.14
CA LEU A 32 -3.21 2.79 -38.29
C LEU A 32 -3.05 1.51 -39.08
N PHE A 33 -3.59 1.44 -40.30
CA PHE A 33 -3.44 0.22 -41.07
C PHE A 33 -1.98 -0.18 -41.20
N GLN A 34 -1.10 0.77 -41.57
CA GLN A 34 0.31 0.43 -41.75
C GLN A 34 0.93 -0.03 -40.44
N SER A 35 0.56 0.61 -39.34
CA SER A 35 1.09 0.23 -38.05
C SER A 35 0.57 -1.14 -37.61
N VAL A 36 -0.74 -1.38 -37.77
CA VAL A 36 -1.28 -2.68 -37.35
C VAL A 36 -0.74 -3.79 -38.24
N ALA A 37 -0.60 -3.52 -39.55
CA ALA A 37 -0.07 -4.53 -40.46
C ALA A 37 1.39 -4.86 -40.14
N ALA A 38 2.19 -3.84 -39.84
CA ALA A 38 3.58 -4.09 -39.46
C ALA A 38 3.66 -4.90 -38.16
N SER A 39 2.78 -4.59 -37.19
CA SER A 39 2.74 -5.37 -35.96
C SER A 39 2.30 -6.80 -36.23
N TRP A 40 1.35 -6.99 -37.14
CA TRP A 40 0.90 -8.34 -37.49
C TRP A 40 2.04 -9.16 -38.06
N ALA A 41 2.75 -8.58 -39.04
CA ALA A 41 3.85 -9.27 -39.68
C ALA A 41 4.91 -9.70 -38.68
N HIS A 42 5.15 -8.88 -37.65
CA HIS A 42 6.10 -9.25 -36.61
C HIS A 42 5.53 -10.30 -35.67
N ASP A 43 4.29 -10.10 -35.21
CA ASP A 43 3.75 -10.97 -34.16
C ASP A 43 3.45 -12.38 -34.69
N THR A 44 3.28 -12.54 -35.99
CA THR A 44 3.13 -13.85 -36.61
C THR A 44 4.42 -14.35 -37.23
N ASN A 45 5.54 -13.67 -36.98
CA ASN A 45 6.80 -14.02 -37.63
C ASN A 45 7.89 -13.15 -37.01
N ILE A 46 8.28 -13.46 -35.78
CA ILE A 46 9.19 -12.61 -35.01
C ILE A 46 10.57 -12.69 -35.66
N THR A 47 11.01 -11.59 -36.24
CA THR A 47 12.36 -11.48 -36.80
C THR A 47 12.88 -10.08 -36.53
N ALA A 48 14.20 -9.93 -36.64
CA ALA A 48 14.81 -8.61 -36.51
C ALA A 48 14.26 -7.65 -37.56
N GLU A 49 14.19 -8.11 -38.81
CA GLU A 49 13.70 -7.25 -39.89
C GLU A 49 12.26 -6.82 -39.65
N ASN A 50 11.40 -7.75 -39.20
CA ASN A 50 10.01 -7.35 -38.96
C ASN A 50 9.89 -6.43 -37.74
N ALA A 51 10.73 -6.63 -36.73
CA ALA A 51 10.76 -5.70 -35.60
C ALA A 51 11.15 -4.32 -36.06
N ARG A 52 12.18 -4.22 -36.91
CA ARG A 52 12.57 -2.93 -37.48
C ARG A 52 11.40 -2.26 -38.16
N ARG A 53 10.68 -3.02 -39.00
CA ARG A 53 9.54 -2.46 -39.72
C ARG A 53 8.47 -1.95 -38.77
N GLN A 54 8.23 -2.67 -37.68
CA GLN A 54 7.18 -2.28 -36.75
C GLN A 54 7.59 -1.00 -36.01
N GLU A 55 8.88 -0.87 -35.67
CA GLU A 55 9.33 0.32 -34.97
C GLU A 55 9.28 1.55 -35.87
N GLU A 56 9.57 1.37 -37.16
CA GLU A 56 9.44 2.46 -38.12
C GLU A 56 7.98 2.86 -38.28
N ALA A 57 7.08 1.88 -38.30
CA ALA A 57 5.67 2.22 -38.40
C ALA A 57 5.18 2.96 -37.15
N ALA A 58 5.67 2.55 -35.98
CA ALA A 58 5.30 3.24 -34.75
C ALA A 58 5.80 4.68 -34.76
N LEU A 59 6.98 4.91 -35.32
CA LEU A 59 7.53 6.27 -35.39
C LEU A 59 6.68 7.14 -36.30
N LEU A 60 6.23 6.59 -37.43
CA LEU A 60 5.31 7.32 -38.30
C LEU A 60 4.02 7.65 -37.56
N SER A 61 3.48 6.69 -36.80
CA SER A 61 2.25 6.94 -36.05
C SER A 61 2.43 8.07 -35.05
N GLN A 62 3.61 8.15 -34.44
CA GLN A 62 3.88 9.23 -33.49
C GLN A 62 3.97 10.57 -34.20
N GLU A 63 4.60 10.62 -35.38
CA GLU A 63 4.63 11.85 -36.14
C GLU A 63 3.21 12.31 -36.49
N PHE A 64 2.40 11.38 -36.98
CA PHE A 64 1.00 11.67 -37.28
C PHE A 64 0.28 12.23 -36.06
N ALA A 65 0.41 11.56 -34.92
CA ALA A 65 -0.33 11.95 -33.73
C ALA A 65 0.11 13.33 -33.26
N GLU A 66 1.42 13.62 -33.36
CA GLU A 66 1.91 14.93 -32.97
C GLU A 66 1.33 16.01 -33.89
N ALA A 67 1.37 15.78 -35.20
CA ALA A 67 0.91 16.82 -36.13
C ALA A 67 -0.59 17.10 -35.95
N TRP A 68 -1.40 16.05 -35.85
CA TRP A 68 -2.83 16.26 -35.72
C TRP A 68 -3.21 16.71 -34.32
N GLY A 69 -2.52 16.19 -33.30
CA GLY A 69 -2.78 16.64 -31.94
C GLY A 69 -2.46 18.10 -31.73
N GLN A 70 -1.30 18.55 -32.22
CA GLN A 70 -0.96 19.96 -32.11
C GLN A 70 -1.92 20.83 -32.91
N LYS A 71 -2.39 20.35 -34.06
CA LYS A 71 -3.34 21.16 -34.83
C LYS A 71 -4.68 21.25 -34.11
N ALA A 72 -5.12 20.16 -33.46
CA ALA A 72 -6.37 20.21 -32.71
C ALA A 72 -6.28 21.22 -31.56
N LYS A 73 -5.15 21.27 -30.87
CA LYS A 73 -5.01 22.24 -29.79
C LYS A 73 -4.94 23.66 -30.32
N GLU A 74 -4.15 23.88 -31.39
CA GLU A 74 -4.07 25.21 -31.98
C GLU A 74 -5.45 25.75 -32.33
N LEU A 75 -6.33 24.91 -32.89
CA LEU A 75 -7.60 25.39 -33.40
C LEU A 75 -8.73 25.36 -32.38
N TYR A 76 -8.72 24.38 -31.46
CA TYR A 76 -9.91 24.07 -30.67
C TYR A 76 -9.69 24.02 -29.16
N GLU A 77 -8.49 24.26 -28.67
CA GLU A 77 -8.25 24.14 -27.23
C GLU A 77 -9.23 24.95 -26.40
N PRO A 78 -9.54 26.20 -26.71
CA PRO A 78 -10.46 26.96 -25.85
C PRO A 78 -11.93 26.64 -26.03
N ILE A 79 -12.31 25.79 -26.98
CA ILE A 79 -13.73 25.64 -27.32
C ILE A 79 -14.20 24.20 -27.42
N TRP A 80 -13.33 23.20 -27.56
CA TRP A 80 -13.83 21.86 -27.87
C TRP A 80 -14.71 21.32 -26.74
N GLN A 81 -14.42 21.70 -25.49
CA GLN A 81 -15.20 21.21 -24.37
C GLN A 81 -16.63 21.74 -24.36
N GLN A 82 -16.90 22.77 -25.15
CA GLN A 82 -18.22 23.38 -25.24
C GLN A 82 -18.96 23.03 -26.53
N PHE A 83 -18.37 22.21 -27.40
CA PHE A 83 -19.04 21.84 -28.64
C PHE A 83 -20.39 21.20 -28.34
N THR A 84 -21.35 21.43 -29.23
CA THR A 84 -22.69 20.87 -29.06
C THR A 84 -22.73 19.39 -29.41
N ASP A 85 -21.91 18.96 -30.36
CA ASP A 85 -21.85 17.56 -30.81
C ASP A 85 -21.05 16.74 -29.82
N PRO A 86 -21.69 15.89 -29.01
CA PRO A 86 -20.93 15.19 -27.96
C PRO A 86 -19.92 14.22 -28.52
N GLN A 87 -20.20 13.59 -29.66
N GLN A 87 -20.20 13.59 -29.66
CA GLN A 87 -19.23 12.68 -30.24
CA GLN A 87 -19.24 12.67 -30.25
C GLN A 87 -18.01 13.44 -30.74
C GLN A 87 -18.02 13.42 -30.77
N LEU A 88 -18.23 14.62 -31.32
CA LEU A 88 -17.10 15.44 -31.74
C LEU A 88 -16.23 15.85 -30.56
N ARG A 89 -16.86 16.15 -29.41
CA ARG A 89 -16.05 16.41 -28.22
C ARG A 89 -15.14 15.22 -27.91
N ARG A 90 -15.70 14.01 -28.00
CA ARG A 90 -14.90 12.82 -27.67
C ARG A 90 -13.80 12.59 -28.70
N ILE A 91 -14.08 12.85 -29.97
CA ILE A 91 -13.05 12.72 -31.00
C ILE A 91 -11.93 13.71 -30.74
N ILE A 92 -12.26 14.99 -30.53
CA ILE A 92 -11.20 15.99 -30.31
C ILE A 92 -10.44 15.67 -29.04
N GLY A 93 -11.16 15.27 -28.00
CA GLY A 93 -10.49 14.86 -26.77
C GLY A 93 -9.44 13.81 -27.03
N ALA A 94 -9.75 12.83 -27.89
CA ALA A 94 -8.78 11.77 -28.17
C ALA A 94 -7.62 12.30 -29.00
N VAL A 95 -7.91 13.08 -30.05
CA VAL A 95 -6.85 13.52 -30.95
C VAL A 95 -5.85 14.40 -30.22
N ARG A 96 -6.30 15.17 -29.23
CA ARG A 96 -5.36 16.03 -28.51
C ARG A 96 -4.52 15.29 -27.46
N THR A 97 -4.73 13.99 -27.28
CA THR A 97 -3.92 13.17 -26.37
C THR A 97 -2.77 12.60 -27.19
N LEU A 98 -1.56 13.08 -26.93
CA LEU A 98 -0.42 12.70 -27.76
C LEU A 98 0.31 11.45 -27.23
N GLY A 99 0.24 11.18 -25.93
CA GLY A 99 0.93 10.03 -25.39
C GLY A 99 2.42 10.06 -25.74
N SER A 100 2.91 8.93 -26.27
CA SER A 100 4.33 8.82 -26.60
C SER A 100 4.77 9.81 -27.66
N ALA A 101 3.84 10.38 -28.44
CA ALA A 101 4.22 11.42 -29.39
C ALA A 101 4.65 12.69 -28.69
N ASN A 102 4.46 12.81 -27.37
CA ASN A 102 5.04 13.92 -26.62
C ASN A 102 6.55 13.79 -26.47
N LEU A 103 7.09 12.60 -26.66
CA LEU A 103 8.52 12.42 -26.46
C LEU A 103 9.30 13.00 -27.63
N PRO A 104 10.51 13.52 -27.37
CA PRO A 104 11.41 13.87 -28.48
C PRO A 104 11.83 12.62 -29.24
N LEU A 105 12.31 12.84 -30.47
CA LEU A 105 12.57 11.73 -31.39
C LEU A 105 13.39 10.61 -30.75
N ALA A 106 14.52 10.95 -30.14
CA ALA A 106 15.39 9.90 -29.62
C ALA A 106 14.70 9.08 -28.55
N LYS A 107 13.85 9.71 -27.75
CA LYS A 107 13.13 8.97 -26.72
C LYS A 107 11.97 8.18 -27.31
N ARG A 108 11.38 8.66 -28.40
CA ARG A 108 10.40 7.85 -29.15
C ARG A 108 11.04 6.53 -29.61
N GLN A 109 12.22 6.63 -30.22
CA GLN A 109 12.91 5.45 -30.70
C GLN A 109 13.26 4.50 -29.57
N GLN A 110 13.73 5.03 -28.45
CA GLN A 110 14.00 4.19 -27.28
C GLN A 110 12.72 3.52 -26.78
N TYR A 111 11.63 4.29 -26.70
CA TYR A 111 10.34 3.76 -26.25
C TYR A 111 9.86 2.64 -27.17
N ASN A 112 9.91 2.87 -28.47
CA ASN A 112 9.44 1.89 -29.45
C ASN A 112 10.33 0.65 -29.42
N ALA A 113 11.63 0.85 -29.23
CA ALA A 113 12.56 -0.28 -29.17
C ALA A 113 12.34 -1.10 -27.90
N LEU A 114 12.05 -0.44 -26.79
CA LEU A 114 11.77 -1.17 -25.55
C LEU A 114 10.51 -2.03 -25.70
N LEU A 115 9.45 -1.45 -26.25
CA LEU A 115 8.23 -2.24 -26.44
C LEU A 115 8.50 -3.47 -27.33
N SER A 116 9.24 -3.27 -28.42
CA SER A 116 9.59 -4.37 -29.30
C SER A 116 10.42 -5.42 -28.59
N GLN A 117 11.44 -5.00 -27.82
CA GLN A 117 12.33 -5.97 -27.20
C GLN A 117 11.64 -6.70 -26.04
N MET A 118 10.80 -6.00 -25.28
CA MET A 118 10.09 -6.68 -24.19
C MET A 118 9.11 -7.71 -24.76
N SER A 119 8.48 -7.38 -25.88
CA SER A 119 7.58 -8.34 -26.55
C SER A 119 8.34 -9.57 -27.03
N ARG A 120 9.50 -9.36 -27.68
N ARG A 120 9.51 -9.37 -27.64
CA ARG A 120 10.30 -10.47 -28.18
CA ARG A 120 10.26 -10.49 -28.18
C ARG A 120 10.75 -11.36 -27.04
C ARG A 120 10.83 -11.36 -27.08
N ILE A 121 11.20 -10.78 -25.93
CA ILE A 121 11.73 -11.57 -24.83
C ILE A 121 10.62 -12.46 -24.26
N TYR A 122 9.46 -11.87 -24.01
CA TYR A 122 8.37 -12.66 -23.43
C TYR A 122 7.98 -13.82 -24.35
N SER A 123 7.85 -13.55 -25.63
CA SER A 123 7.29 -14.55 -26.55
C SER A 123 8.31 -15.52 -27.11
N THR A 124 9.61 -15.30 -26.92
CA THR A 124 10.62 -16.24 -27.35
C THR A 124 11.35 -16.91 -26.19
N ALA A 125 11.04 -16.56 -24.96
CA ALA A 125 11.68 -17.20 -23.82
C ALA A 125 11.36 -18.69 -23.83
N LYS A 126 12.34 -19.49 -23.41
CA LYS A 126 12.21 -20.93 -23.38
C LYS A 126 12.76 -21.45 -22.06
N VAL A 127 12.30 -22.64 -21.67
CA VAL A 127 12.83 -23.34 -20.52
C VAL A 127 13.54 -24.59 -21.05
N CYS A 128 14.84 -24.63 -20.90
CA CYS A 128 15.66 -25.72 -21.43
C CYS A 128 16.08 -26.68 -20.32
N LEU A 129 16.33 -27.93 -20.69
CA LEU A 129 16.79 -28.93 -19.73
C LEU A 129 18.30 -29.02 -19.74
N THR A 135 17.21 -29.04 -25.96
CA THR A 135 15.81 -29.40 -25.77
C THR A 135 15.11 -28.37 -24.89
N CYS A 136 14.22 -27.57 -25.49
CA CYS A 136 13.65 -26.42 -24.82
C CYS A 136 12.14 -26.35 -25.02
N TRP A 137 11.45 -25.94 -23.97
CA TRP A 137 10.00 -25.88 -23.91
C TRP A 137 9.55 -24.44 -24.01
N SER A 138 8.56 -24.17 -24.85
CA SER A 138 7.96 -22.85 -24.94
C SER A 138 6.81 -22.75 -23.95
N LEU A 139 6.37 -21.51 -23.69
CA LEU A 139 5.23 -21.32 -22.82
C LEU A 139 4.00 -22.01 -23.41
N ASP A 140 3.76 -21.79 -24.68
CA ASP A 140 2.60 -22.32 -25.38
C ASP A 140 3.08 -23.16 -26.56
N PRO A 141 2.79 -24.47 -26.61
CA PRO A 141 1.95 -25.23 -25.68
C PRO A 141 2.65 -25.86 -24.47
N ASP A 142 3.98 -25.89 -24.46
CA ASP A 142 4.69 -26.88 -23.63
C ASP A 142 4.44 -26.62 -22.14
N LEU A 143 4.86 -25.46 -21.64
CA LEU A 143 4.74 -25.22 -20.21
C LEU A 143 3.28 -25.07 -19.79
N THR A 144 2.45 -24.48 -20.65
CA THR A 144 1.03 -24.44 -20.36
C THR A 144 0.47 -25.84 -20.11
N ASN A 145 0.87 -26.81 -20.93
CA ASN A 145 0.35 -28.16 -20.77
C ASN A 145 0.90 -28.83 -19.51
N ILE A 146 2.13 -28.54 -19.13
CA ILE A 146 2.67 -29.05 -17.88
C ILE A 146 1.86 -28.51 -16.70
N LEU A 147 1.67 -27.18 -16.66
CA LEU A 147 0.94 -26.58 -15.54
C LEU A 147 -0.50 -27.11 -15.48
N ALA A 148 -1.09 -27.44 -16.63
CA ALA A 148 -2.48 -27.90 -16.65
C ALA A 148 -2.65 -29.38 -16.30
N SER A 149 -1.68 -30.22 -16.64
CA SER A 149 -1.91 -31.66 -16.52
C SER A 149 -0.86 -32.42 -15.72
N SER A 150 0.27 -31.82 -15.38
CA SER A 150 1.19 -32.47 -14.47
C SER A 150 0.64 -32.37 -13.05
N ARG A 151 0.81 -33.44 -12.30
CA ARG A 151 0.52 -33.46 -10.88
C ARG A 151 1.77 -33.85 -10.08
N SER A 152 2.92 -33.86 -10.74
CA SER A 152 4.20 -33.99 -10.05
C SER A 152 4.59 -32.64 -9.48
N TYR A 153 4.64 -32.54 -8.16
CA TYR A 153 5.04 -31.29 -7.53
C TYR A 153 6.37 -30.78 -8.10
N ALA A 154 7.34 -31.69 -8.27
CA ALA A 154 8.66 -31.26 -8.73
C ALA A 154 8.64 -30.81 -10.19
N MET A 155 7.82 -31.48 -11.02
CA MET A 155 7.73 -31.08 -12.42
C MET A 155 7.03 -29.74 -12.57
N LEU A 156 5.93 -29.55 -11.85
CA LEU A 156 5.25 -28.26 -11.83
C LEU A 156 6.20 -27.16 -11.37
N LEU A 157 7.01 -27.44 -10.36
CA LEU A 157 7.94 -26.44 -9.84
C LEU A 157 9.01 -26.09 -10.87
N PHE A 158 9.57 -27.11 -11.54
CA PHE A 158 10.54 -26.85 -12.59
C PHE A 158 9.96 -25.94 -13.68
N ALA A 159 8.71 -26.21 -14.09
CA ALA A 159 8.12 -25.38 -15.14
C ALA A 159 7.81 -23.97 -14.64
N TRP A 160 7.29 -23.86 -13.41
CA TRP A 160 6.93 -22.55 -12.87
C TRP A 160 8.17 -21.69 -12.64
N GLU A 161 9.16 -22.25 -11.99
CA GLU A 161 10.41 -21.53 -11.75
C GLU A 161 11.13 -21.24 -13.05
N GLY A 162 11.23 -22.25 -13.93
CA GLY A 162 11.90 -22.05 -15.20
C GLY A 162 11.29 -20.88 -15.97
N TRP A 163 9.96 -20.85 -16.06
CA TRP A 163 9.31 -19.83 -16.86
C TRP A 163 9.50 -18.45 -16.24
N HIS A 164 9.26 -18.34 -14.94
CA HIS A 164 9.37 -17.03 -14.27
C HIS A 164 10.81 -16.51 -14.37
N ASN A 165 11.79 -17.40 -14.25
CA ASN A 165 13.18 -16.96 -14.40
C ASN A 165 13.49 -16.55 -15.83
N ALA A 166 13.04 -17.35 -16.82
CA ALA A 166 13.45 -17.13 -18.19
C ALA A 166 12.84 -15.85 -18.76
N ALA A 167 11.58 -15.57 -18.44
CA ALA A 167 10.92 -14.40 -18.97
C ALA A 167 11.16 -13.15 -18.11
N GLY A 168 11.12 -13.29 -16.80
CA GLY A 168 11.13 -12.14 -15.92
C GLY A 168 12.47 -11.47 -15.74
N ILE A 169 13.52 -12.26 -15.52
CA ILE A 169 14.83 -11.69 -15.19
C ILE A 169 15.33 -10.75 -16.28
N PRO A 170 15.37 -11.14 -17.55
CA PRO A 170 15.91 -10.22 -18.57
C PRO A 170 15.01 -9.03 -18.83
N LEU A 171 13.75 -9.07 -18.41
CA LEU A 171 12.83 -7.96 -18.69
C LEU A 171 13.02 -6.80 -17.73
N LYS A 172 13.53 -7.04 -16.53
CA LYS A 172 13.48 -5.99 -15.51
C LYS A 172 14.16 -4.70 -15.93
N PRO A 173 15.40 -4.68 -16.44
CA PRO A 173 16.02 -3.40 -16.79
C PRO A 173 15.25 -2.65 -17.87
N LEU A 174 14.64 -3.38 -18.81
N LEU A 174 14.65 -3.38 -18.81
CA LEU A 174 13.86 -2.73 -19.85
CA LEU A 174 13.86 -2.74 -19.86
C LEU A 174 12.58 -2.13 -19.28
C LEU A 174 12.58 -2.13 -19.28
N TYR A 175 11.96 -2.83 -18.34
CA TYR A 175 10.69 -2.36 -17.79
C TYR A 175 10.88 -1.10 -16.97
N GLU A 176 12.00 -0.99 -16.26
CA GLU A 176 12.31 0.24 -15.56
C GLU A 176 12.40 1.41 -16.53
N ASP A 177 13.13 1.24 -17.62
CA ASP A 177 13.29 2.31 -18.59
C ASP A 177 11.98 2.66 -19.27
N PHE A 178 11.18 1.64 -19.62
CA PHE A 178 9.87 1.87 -20.25
C PHE A 178 9.00 2.73 -19.34
N THR A 179 8.95 2.38 -18.06
CA THR A 179 8.11 3.10 -17.10
C THR A 179 8.47 4.58 -17.07
N ALA A 180 9.78 4.88 -16.98
CA ALA A 180 10.18 6.28 -16.91
C ALA A 180 9.75 7.05 -18.16
N LEU A 181 9.94 6.43 -19.35
CA LEU A 181 9.59 7.14 -20.59
C LEU A 181 8.07 7.26 -20.72
N SER A 182 7.35 6.23 -20.35
CA SER A 182 5.89 6.28 -20.40
C SER A 182 5.36 7.42 -19.54
N ASN A 183 5.85 7.52 -18.31
CA ASN A 183 5.45 8.61 -17.42
C ASN A 183 5.79 9.96 -18.01
N GLU A 184 7.01 10.12 -18.54
CA GLU A 184 7.39 11.38 -19.16
C GLU A 184 6.41 11.75 -20.27
N ALA A 185 6.01 10.77 -21.08
CA ALA A 185 5.08 11.02 -22.17
C ALA A 185 3.75 11.55 -21.67
N TYR A 186 3.15 10.85 -20.70
CA TYR A 186 1.77 11.20 -20.30
C TYR A 186 1.72 12.36 -19.31
N LYS A 187 2.82 12.66 -18.62
CA LYS A 187 2.83 13.90 -17.84
C LYS A 187 2.61 15.10 -18.74
N GLN A 188 3.09 15.05 -19.98
CA GLN A 188 2.92 16.15 -20.91
C GLN A 188 1.52 16.23 -21.49
N ASP A 189 0.69 15.23 -21.27
CA ASP A 189 -0.74 15.31 -21.52
C ASP A 189 -1.49 15.75 -20.27
N GLY A 190 -0.79 16.02 -19.17
CA GLY A 190 -1.40 16.56 -17.97
C GLY A 190 -1.71 15.55 -16.88
N PHE A 191 -1.32 14.30 -17.04
CA PHE A 191 -1.57 13.27 -16.04
C PHE A 191 -0.39 13.17 -15.08
N THR A 192 -0.69 12.80 -13.82
CA THR A 192 0.37 12.67 -12.83
C THR A 192 1.31 11.51 -13.18
N ASP A 193 0.78 10.44 -13.78
CA ASP A 193 1.57 9.32 -14.24
C ASP A 193 0.73 8.51 -15.20
N THR A 194 1.36 7.47 -15.79
CA THR A 194 0.67 6.69 -16.80
C THR A 194 -0.57 6.01 -16.22
N GLY A 195 -0.51 5.57 -14.97
CA GLY A 195 -1.64 4.87 -14.39
C GLY A 195 -2.86 5.77 -14.25
N ALA A 196 -2.64 7.06 -13.95
CA ALA A 196 -3.75 8.00 -13.91
C ALA A 196 -4.39 8.12 -15.27
N TYR A 197 -3.58 8.10 -16.34
CA TYR A 197 -4.12 8.12 -17.69
C TYR A 197 -4.96 6.87 -17.94
N TRP A 198 -4.44 5.69 -17.58
CA TRP A 198 -5.22 4.47 -17.78
C TRP A 198 -6.53 4.51 -17.00
N ARG A 199 -6.47 4.99 -15.76
CA ARG A 199 -7.70 5.01 -14.95
C ARG A 199 -8.71 6.01 -15.48
N SER A 200 -8.23 7.07 -16.13
CA SER A 200 -9.13 8.11 -16.63
C SER A 200 -10.10 7.58 -17.68
N TRP A 201 -9.79 6.45 -18.32
CA TRP A 201 -10.69 5.88 -19.33
C TRP A 201 -12.06 5.52 -18.77
N TYR A 202 -12.16 5.27 -17.47
CA TYR A 202 -13.44 4.90 -16.88
C TYR A 202 -14.26 6.12 -16.47
N ASN A 203 -13.71 7.31 -16.62
CA ASN A 203 -14.40 8.57 -16.34
C ASN A 203 -15.29 8.47 -15.10
N SER A 204 -14.65 8.08 -14.00
CA SER A 204 -15.32 7.94 -12.72
C SER A 204 -14.44 8.55 -11.64
N PRO A 205 -14.87 9.63 -10.97
CA PRO A 205 -13.99 10.25 -9.95
C PRO A 205 -13.70 9.34 -8.77
N THR A 206 -14.50 8.31 -8.55
CA THR A 206 -14.29 7.39 -7.43
C THR A 206 -13.96 5.97 -7.91
N PHE A 207 -13.25 5.86 -9.05
CA PHE A 207 -13.00 4.54 -9.65
C PHE A 207 -12.38 3.57 -8.65
N GLU A 208 -11.31 4.00 -7.98
CA GLU A 208 -10.59 3.04 -7.13
C GLU A 208 -11.43 2.64 -5.93
N ASP A 209 -12.18 3.58 -5.34
CA ASP A 209 -13.10 3.23 -4.26
C ASP A 209 -14.23 2.32 -4.75
N ASP A 210 -14.78 2.61 -5.93
CA ASP A 210 -15.81 1.73 -6.49
C ASP A 210 -15.29 0.29 -6.65
N LEU A 211 -14.06 0.13 -7.15
CA LEU A 211 -13.50 -1.21 -7.32
C LEU A 211 -13.34 -1.89 -5.99
N GLU A 212 -12.84 -1.16 -4.98
CA GLU A 212 -12.62 -1.75 -3.67
C GLU A 212 -13.92 -2.24 -3.07
N HIS A 213 -15.00 -1.47 -3.25
N HIS A 213 -15.00 -1.46 -3.23
CA HIS A 213 -16.28 -1.87 -2.70
CA HIS A 213 -16.29 -1.87 -2.71
C HIS A 213 -16.85 -3.09 -3.43
C HIS A 213 -16.78 -3.14 -3.41
N LEU A 214 -16.61 -3.20 -4.73
CA LEU A 214 -16.96 -4.42 -5.45
C LEU A 214 -16.19 -5.60 -4.88
N TYR A 215 -14.87 -5.42 -4.68
CA TYR A 215 -14.07 -6.55 -4.25
C TYR A 215 -14.50 -7.03 -2.85
N GLN A 216 -14.83 -6.10 -1.96
CA GLN A 216 -15.28 -6.49 -0.62
C GLN A 216 -16.51 -7.39 -0.68
N GLN A 217 -17.38 -7.20 -1.66
CA GLN A 217 -18.56 -8.03 -1.79
C GLN A 217 -18.22 -9.42 -2.35
N LEU A 218 -17.16 -9.51 -3.13
CA LEU A 218 -16.80 -10.73 -3.83
C LEU A 218 -15.84 -11.58 -3.03
N GLU A 219 -15.05 -10.96 -2.16
CA GLU A 219 -14.00 -11.67 -1.47
C GLU A 219 -14.48 -12.87 -0.67
N PRO A 220 -15.63 -12.83 0.03
CA PRO A 220 -16.03 -14.02 0.77
C PRO A 220 -16.20 -15.24 -0.14
N LEU A 221 -16.64 -15.04 -1.37
CA LEU A 221 -16.79 -16.17 -2.29
C LEU A 221 -15.43 -16.75 -2.63
N TYR A 222 -14.46 -15.88 -2.93
CA TYR A 222 -13.11 -16.37 -3.19
C TYR A 222 -12.51 -17.06 -1.96
N LEU A 223 -12.66 -16.46 -0.77
CA LEU A 223 -12.12 -17.10 0.44
C LEU A 223 -12.66 -18.52 0.63
N ASN A 224 -13.96 -18.72 0.38
CA ASN A 224 -14.53 -20.06 0.55
C ASN A 224 -14.08 -21.02 -0.55
N LEU A 225 -13.96 -20.56 -1.79
CA LEU A 225 -13.43 -21.42 -2.83
C LEU A 225 -11.99 -21.81 -2.52
N HIS A 226 -11.20 -20.82 -2.12
CA HIS A 226 -9.79 -21.02 -1.79
C HIS A 226 -9.62 -22.10 -0.72
N ALA A 227 -10.38 -22.00 0.38
CA ALA A 227 -10.21 -22.94 1.47
C ALA A 227 -10.57 -24.36 1.03
N PHE A 228 -11.61 -24.49 0.22
CA PHE A 228 -12.08 -25.79 -0.26
C PHE A 228 -11.06 -26.43 -1.20
N VAL A 229 -10.54 -25.64 -2.14
CA VAL A 229 -9.51 -26.12 -3.05
C VAL A 229 -8.23 -26.45 -2.30
N ARG A 230 -7.85 -25.60 -1.33
CA ARG A 230 -6.63 -25.87 -0.56
C ARG A 230 -6.76 -27.23 0.15
N ARG A 231 -7.94 -27.53 0.71
CA ARG A 231 -8.16 -28.83 1.34
C ARG A 231 -8.04 -29.96 0.32
N ALA A 232 -8.60 -29.77 -0.88
CA ALA A 232 -8.50 -30.79 -1.91
C ALA A 232 -7.04 -31.03 -2.29
N LEU A 233 -6.23 -29.96 -2.34
CA LEU A 233 -4.82 -30.13 -2.66
C LEU A 233 -4.08 -30.80 -1.51
N HIS A 234 -4.45 -30.50 -0.26
CA HIS A 234 -3.81 -31.12 0.89
C HIS A 234 -3.98 -32.63 0.85
N ARG A 235 -5.15 -33.11 0.40
CA ARG A 235 -5.37 -34.55 0.33
C ARG A 235 -4.47 -35.23 -0.69
N ARG A 236 -4.03 -34.51 -1.72
CA ARG A 236 -3.16 -35.07 -2.75
C ARG A 236 -1.68 -34.87 -2.47
N TYR A 237 -1.30 -33.68 -2.04
CA TYR A 237 0.11 -33.33 -1.90
C TYR A 237 0.63 -33.45 -0.48
N GLY A 238 -0.25 -33.50 0.52
CA GLY A 238 0.15 -33.80 1.87
C GLY A 238 0.55 -32.57 2.66
N ASP A 239 0.78 -32.80 3.96
CA ASP A 239 0.98 -31.72 4.93
C ASP A 239 2.31 -31.01 4.77
N ARG A 240 3.27 -31.62 4.07
CA ARG A 240 4.55 -30.96 3.85
C ARG A 240 4.43 -29.83 2.82
N TYR A 241 3.64 -30.04 1.77
CA TYR A 241 3.56 -29.08 0.69
C TYR A 241 2.30 -28.24 0.69
N ILE A 242 1.34 -28.53 1.58
CA ILE A 242 0.12 -27.74 1.69
C ILE A 242 -0.09 -27.41 3.16
N ASN A 243 -0.16 -26.12 3.48
CA ASN A 243 -0.46 -25.64 4.81
C ASN A 243 -1.92 -25.20 4.83
N LEU A 244 -2.75 -25.91 5.62
CA LEU A 244 -4.18 -25.64 5.66
C LEU A 244 -4.50 -24.27 6.28
N ARG A 245 -3.52 -23.60 6.86
CA ARG A 245 -3.71 -22.23 7.34
C ARG A 245 -2.82 -21.23 6.62
N GLY A 246 -2.19 -21.63 5.51
CA GLY A 246 -1.31 -20.77 4.78
C GLY A 246 -1.70 -20.57 3.33
N PRO A 247 -0.92 -19.75 2.62
CA PRO A 247 -1.16 -19.58 1.19
C PRO A 247 -0.87 -20.86 0.42
N ILE A 248 -1.54 -20.99 -0.72
CA ILE A 248 -1.36 -22.14 -1.60
C ILE A 248 -0.12 -21.92 -2.47
N PRO A 249 0.78 -22.90 -2.60
CA PRO A 249 1.90 -22.74 -3.51
C PRO A 249 1.42 -22.45 -4.92
N ALA A 250 2.08 -21.46 -5.56
CA ALA A 250 1.51 -20.81 -6.74
C ALA A 250 1.53 -21.66 -8.01
N HIS A 251 2.16 -22.84 -8.00
CA HIS A 251 2.30 -23.66 -9.19
C HIS A 251 1.32 -24.83 -9.23
N LEU A 252 0.41 -24.93 -8.27
CA LEU A 252 -0.42 -26.12 -8.08
C LEU A 252 -1.87 -25.97 -8.51
N LEU A 253 -2.23 -24.88 -9.15
CA LEU A 253 -3.63 -24.55 -9.41
C LEU A 253 -3.99 -24.70 -10.89
N GLY A 254 -3.11 -25.24 -11.70
CA GLY A 254 -3.41 -25.60 -13.08
C GLY A 254 -3.00 -24.59 -14.13
N ASP A 255 -2.45 -23.45 -13.72
CA ASP A 255 -2.24 -22.32 -14.62
C ASP A 255 -0.96 -21.63 -14.14
N MET A 256 -0.16 -21.16 -15.10
CA MET A 256 1.14 -20.56 -14.75
C MET A 256 0.99 -19.41 -13.76
N TRP A 257 -0.13 -18.68 -13.81
CA TRP A 257 -0.37 -17.49 -12.99
C TRP A 257 -1.38 -17.76 -11.89
N ALA A 258 -1.81 -19.01 -11.73
CA ALA A 258 -2.89 -19.37 -10.80
C ALA A 258 -4.12 -18.48 -10.99
N GLN A 259 -4.35 -18.01 -12.21
CA GLN A 259 -5.42 -17.05 -12.49
C GLN A 259 -6.76 -17.72 -12.85
N SER A 260 -6.72 -18.96 -13.30
CA SER A 260 -7.91 -19.78 -13.60
C SER A 260 -7.58 -21.16 -13.07
N TRP A 261 -8.48 -21.73 -12.26
CA TRP A 261 -8.23 -23.00 -11.60
C TRP A 261 -9.00 -24.17 -12.24
N GLU A 262 -9.51 -23.98 -13.45
CA GLU A 262 -10.37 -25.00 -14.06
C GLU A 262 -9.64 -26.33 -14.28
N ASN A 263 -8.32 -26.31 -14.46
CA ASN A 263 -7.60 -27.54 -14.72
C ASN A 263 -7.50 -28.47 -13.52
N ILE A 264 -7.83 -28.01 -12.31
CA ILE A 264 -7.85 -28.90 -11.16
C ILE A 264 -9.28 -29.31 -10.80
N TYR A 265 -10.21 -29.10 -11.72
CA TYR A 265 -11.60 -29.53 -11.48
C TYR A 265 -11.70 -30.99 -11.04
N ASP A 266 -10.88 -31.88 -11.60
CA ASP A 266 -11.02 -33.29 -11.25
C ASP A 266 -10.69 -33.55 -9.79
N MET A 267 -9.87 -32.68 -9.17
CA MET A 267 -9.52 -32.84 -7.79
C MET A 267 -10.55 -32.28 -6.82
N VAL A 268 -11.49 -31.46 -7.31
CA VAL A 268 -12.46 -30.83 -6.42
C VAL A 268 -13.90 -31.23 -6.72
N VAL A 269 -14.17 -31.87 -7.85
CA VAL A 269 -15.55 -32.15 -8.26
C VAL A 269 -16.24 -32.98 -7.18
N PRO A 270 -17.35 -32.52 -6.61
CA PRO A 270 -17.96 -33.26 -5.49
C PRO A 270 -18.87 -34.41 -5.89
N PHE A 271 -19.45 -34.39 -7.09
CA PHE A 271 -20.39 -35.43 -7.52
C PHE A 271 -19.92 -35.99 -8.84
N PRO A 272 -18.91 -36.87 -8.82
CA PRO A 272 -18.28 -37.32 -10.07
C PRO A 272 -19.06 -38.35 -10.89
N ASP A 273 -20.17 -38.90 -10.42
CA ASP A 273 -20.98 -39.75 -11.28
C ASP A 273 -22.07 -38.97 -12.03
N LYS A 274 -22.08 -37.65 -11.90
CA LYS A 274 -22.87 -36.80 -12.77
C LYS A 274 -22.11 -36.62 -14.09
N PRO A 275 -22.77 -36.08 -15.12
CA PRO A 275 -22.09 -35.89 -16.40
C PRO A 275 -20.79 -35.11 -16.24
N ASN A 276 -19.77 -35.53 -17.00
CA ASN A 276 -18.44 -34.94 -16.89
C ASN A 276 -18.41 -33.61 -17.64
N LEU A 277 -18.29 -32.51 -16.90
CA LEU A 277 -18.43 -31.20 -17.52
C LEU A 277 -17.17 -30.75 -18.24
N ASP A 278 -16.05 -31.45 -18.06
CA ASP A 278 -14.84 -31.17 -18.83
C ASP A 278 -14.90 -31.99 -20.10
N VAL A 279 -15.25 -31.33 -21.22
CA VAL A 279 -15.53 -32.02 -22.47
C VAL A 279 -14.29 -32.06 -23.35
N THR A 280 -13.13 -31.67 -22.80
CA THR A 280 -11.91 -31.72 -23.61
C THR A 280 -11.71 -33.10 -24.25
N SER A 281 -11.81 -34.16 -23.44
N SER A 281 -11.81 -34.16 -23.45
CA SER A 281 -11.61 -35.52 -23.96
CA SER A 281 -11.58 -35.51 -23.98
C SER A 281 -12.56 -35.82 -25.11
C SER A 281 -12.56 -35.84 -25.11
N THR A 282 -13.80 -35.34 -25.03
CA THR A 282 -14.75 -35.59 -26.10
C THR A 282 -14.39 -34.80 -27.35
N MET A 283 -13.98 -33.54 -27.17
CA MET A 283 -13.47 -32.75 -28.30
C MET A 283 -12.36 -33.50 -29.03
N LEU A 284 -11.39 -34.03 -28.28
CA LEU A 284 -10.28 -34.74 -28.89
C LEU A 284 -10.75 -36.02 -29.58
N GLN A 285 -11.52 -36.84 -28.87
CA GLN A 285 -12.09 -38.06 -29.45
C GLN A 285 -12.81 -37.75 -30.76
N GLN A 286 -13.59 -36.68 -30.79
CA GLN A 286 -14.40 -36.34 -31.95
C GLN A 286 -13.60 -35.72 -33.08
N GLY A 287 -12.33 -35.39 -32.86
CA GLY A 287 -11.50 -34.83 -33.91
C GLY A 287 -11.62 -33.34 -34.09
N TRP A 288 -12.05 -32.61 -33.07
CA TRP A 288 -12.10 -31.17 -33.16
C TRP A 288 -10.72 -30.60 -33.46
N GLN A 289 -10.71 -29.54 -34.27
CA GLN A 289 -9.52 -28.77 -34.61
C GLN A 289 -9.81 -27.30 -34.31
N ALA A 290 -8.76 -26.48 -34.36
CA ALA A 290 -8.94 -25.07 -34.04
C ALA A 290 -10.03 -24.43 -34.90
N THR A 291 -10.01 -24.71 -36.21
CA THR A 291 -10.99 -24.04 -37.08
C THR A 291 -12.42 -24.42 -36.69
N HIS A 292 -12.63 -25.65 -36.24
CA HIS A 292 -13.97 -26.03 -35.78
C HIS A 292 -14.40 -25.17 -34.60
N MET A 293 -13.46 -24.90 -33.68
CA MET A 293 -13.80 -24.13 -32.50
C MET A 293 -14.23 -22.72 -32.87
N PHE A 294 -13.54 -22.11 -33.85
CA PHE A 294 -13.94 -20.79 -34.32
C PHE A 294 -15.25 -20.82 -35.10
N ARG A 295 -15.50 -21.88 -35.87
CA ARG A 295 -16.79 -21.95 -36.58
C ARG A 295 -17.95 -22.11 -35.61
N VAL A 296 -17.76 -22.88 -34.55
CA VAL A 296 -18.83 -23.06 -33.57
C VAL A 296 -19.11 -21.76 -32.84
N ALA A 297 -18.06 -20.99 -32.53
CA ALA A 297 -18.26 -19.69 -31.89
C ALA A 297 -19.00 -18.74 -32.84
N GLU A 298 -18.56 -18.69 -34.09
CA GLU A 298 -19.22 -17.85 -35.09
C GLU A 298 -20.71 -18.14 -35.19
N GLU A 299 -21.08 -19.40 -35.20
CA GLU A 299 -22.48 -19.74 -35.42
C GLU A 299 -23.35 -19.35 -34.22
N PHE A 300 -22.78 -19.32 -33.02
CA PHE A 300 -23.50 -18.71 -31.88
C PHE A 300 -23.79 -17.24 -32.18
N PHE A 301 -22.79 -16.50 -32.66
CA PHE A 301 -22.99 -15.08 -32.97
C PHE A 301 -24.07 -14.90 -34.03
N THR A 302 -24.03 -15.68 -35.12
CA THR A 302 -25.02 -15.51 -36.15
C THR A 302 -26.41 -15.97 -35.69
N SER A 303 -26.48 -16.90 -34.73
CA SER A 303 -27.79 -17.29 -34.18
C SER A 303 -28.49 -16.12 -33.49
N LEU A 304 -27.72 -15.17 -32.96
CA LEU A 304 -28.24 -13.94 -32.37
C LEU A 304 -28.51 -12.85 -33.42
N GLU A 305 -28.37 -13.18 -34.70
CA GLU A 305 -28.42 -12.21 -35.78
C GLU A 305 -27.34 -11.15 -35.64
N LEU A 306 -26.20 -11.55 -35.09
CA LEU A 306 -24.98 -10.75 -35.20
C LEU A 306 -24.22 -11.19 -36.46
N SER A 307 -23.06 -10.60 -36.68
N SER A 307 -23.06 -10.59 -36.69
CA SER A 307 -22.43 -10.76 -37.99
CA SER A 307 -22.43 -10.77 -38.00
C SER A 307 -21.55 -12.01 -38.03
C SER A 307 -21.57 -12.02 -38.03
N PRO A 308 -21.52 -12.74 -39.17
CA PRO A 308 -20.51 -13.78 -39.34
C PRO A 308 -19.15 -13.14 -39.58
N MET A 309 -18.10 -13.95 -39.45
CA MET A 309 -16.77 -13.47 -39.77
C MET A 309 -16.60 -13.30 -41.29
N PRO A 310 -15.99 -12.21 -41.75
CA PRO A 310 -15.85 -12.02 -43.19
C PRO A 310 -14.78 -12.92 -43.77
N PRO A 311 -14.76 -13.10 -45.10
CA PRO A 311 -13.69 -13.90 -45.73
C PRO A 311 -12.31 -13.46 -45.32
N GLU A 312 -12.10 -12.14 -45.19
CA GLU A 312 -10.78 -11.64 -44.83
C GLU A 312 -10.32 -12.19 -43.49
N PHE A 313 -11.26 -12.48 -42.58
CA PHE A 313 -10.89 -13.06 -41.29
C PHE A 313 -10.37 -14.48 -41.46
N TRP A 314 -11.10 -15.31 -42.21
CA TRP A 314 -10.66 -16.70 -42.37
C TRP A 314 -9.37 -16.79 -43.16
N GLU A 315 -9.18 -15.91 -44.14
CA GLU A 315 -7.99 -16.00 -44.98
C GLU A 315 -6.76 -15.46 -44.25
N GLY A 316 -6.94 -14.49 -43.36
CA GLY A 316 -5.78 -13.81 -42.77
C GLY A 316 -5.38 -14.22 -41.38
N SER A 317 -6.27 -14.88 -40.64
CA SER A 317 -6.02 -15.14 -39.25
C SER A 317 -4.99 -16.25 -39.07
N MET A 318 -4.35 -16.25 -37.89
CA MET A 318 -3.43 -17.29 -37.45
C MET A 318 -4.12 -18.01 -36.31
N LEU A 319 -4.78 -19.16 -36.61
CA LEU A 319 -5.62 -19.80 -35.62
C LEU A 319 -4.94 -20.99 -34.96
N GLU A 320 -3.73 -21.34 -35.42
CA GLU A 320 -2.92 -22.39 -34.85
C GLU A 320 -1.46 -21.92 -34.85
N LYS A 321 -0.69 -22.50 -33.95
CA LYS A 321 0.75 -22.23 -33.95
C LYS A 321 1.35 -22.74 -35.25
N PRO A 322 2.15 -21.94 -35.96
CA PRO A 322 2.79 -22.44 -37.19
C PRO A 322 3.77 -23.56 -36.91
N ALA A 323 3.78 -24.54 -37.80
CA ALA A 323 4.71 -25.66 -37.73
C ALA A 323 5.89 -25.51 -38.67
N ASP A 324 6.08 -24.33 -39.25
CA ASP A 324 7.17 -24.09 -40.19
C ASP A 324 8.43 -23.54 -39.54
N GLY A 325 8.49 -23.51 -38.20
CA GLY A 325 9.64 -22.99 -37.51
C GLY A 325 9.60 -21.51 -37.20
N ARG A 326 8.61 -20.79 -37.69
CA ARG A 326 8.40 -19.41 -37.29
C ARG A 326 8.29 -19.31 -35.77
N GLU A 327 8.89 -18.26 -35.20
CA GLU A 327 8.53 -17.82 -33.86
C GLU A 327 7.36 -16.84 -33.96
N VAL A 328 6.38 -17.00 -33.08
CA VAL A 328 5.20 -16.15 -33.07
C VAL A 328 4.87 -15.74 -31.64
N VAL A 329 4.04 -14.71 -31.53
CA VAL A 329 3.41 -14.35 -30.27
C VAL A 329 2.18 -15.24 -30.12
N CYS A 330 2.23 -16.19 -29.19
CA CYS A 330 1.13 -17.15 -29.11
C CYS A 330 -0.06 -16.65 -28.31
N HIS A 331 0.17 -15.72 -27.40
CA HIS A 331 -0.91 -15.17 -26.58
C HIS A 331 -2.05 -14.67 -27.44
N ALA A 332 -3.28 -15.09 -27.09
CA ALA A 332 -4.43 -14.87 -27.94
C ALA A 332 -4.78 -13.37 -28.04
N SER A 333 -5.10 -12.92 -29.24
CA SER A 333 -5.47 -11.53 -29.43
C SER A 333 -6.26 -11.34 -30.72
N ALA A 334 -7.04 -10.26 -30.74
CA ALA A 334 -7.99 -9.97 -31.82
C ALA A 334 -7.69 -8.59 -32.38
N TRP A 335 -7.57 -8.51 -33.72
CA TRP A 335 -6.95 -7.41 -34.41
C TRP A 335 -7.91 -6.68 -35.35
N ASP A 336 -7.98 -5.37 -35.17
CA ASP A 336 -8.71 -4.46 -36.05
C ASP A 336 -7.67 -3.67 -36.84
N PHE A 337 -7.70 -3.78 -38.17
CA PHE A 337 -6.74 -3.09 -39.01
C PHE A 337 -7.17 -1.68 -39.39
N TYR A 338 -8.33 -1.23 -38.91
CA TYR A 338 -8.82 0.15 -39.08
C TYR A 338 -9.06 0.51 -40.54
N ASN A 339 -9.26 -0.50 -41.41
CA ASN A 339 -9.63 -0.25 -42.79
C ASN A 339 -11.05 -0.75 -43.08
N ARG A 340 -11.77 -1.17 -42.04
CA ARG A 340 -13.16 -1.63 -42.14
C ARG A 340 -13.29 -2.91 -42.95
N LYS A 341 -12.19 -3.61 -43.18
CA LYS A 341 -12.17 -4.77 -44.08
C LYS A 341 -11.45 -5.94 -43.42
N ASP A 342 -10.27 -5.67 -42.86
CA ASP A 342 -9.41 -6.71 -42.30
C ASP A 342 -9.59 -6.76 -40.80
N PHE A 343 -9.93 -7.96 -40.31
CA PHE A 343 -10.10 -8.28 -38.91
C PHE A 343 -9.56 -9.69 -38.74
N ARG A 344 -8.74 -9.91 -37.71
CA ARG A 344 -8.05 -11.19 -37.57
C ARG A 344 -7.86 -11.56 -36.11
N ILE A 345 -7.81 -12.86 -35.86
CA ILE A 345 -7.41 -13.38 -34.55
C ILE A 345 -6.04 -14.04 -34.72
N LYS A 346 -5.17 -13.86 -33.73
CA LYS A 346 -3.86 -14.51 -33.66
C LYS A 346 -3.86 -15.31 -32.36
N GLN A 347 -3.98 -16.63 -32.47
CA GLN A 347 -4.06 -17.51 -31.29
C GLN A 347 -3.42 -18.84 -31.63
N CYS A 348 -2.54 -19.33 -30.74
CA CYS A 348 -1.99 -20.68 -30.84
C CYS A 348 -2.97 -21.66 -30.18
N THR A 349 -4.10 -21.81 -30.83
CA THR A 349 -5.23 -22.51 -30.24
C THR A 349 -4.89 -23.98 -29.97
N ARG A 350 -5.24 -24.44 -28.77
CA ARG A 350 -5.18 -25.85 -28.40
C ARG A 350 -6.61 -26.38 -28.27
N VAL A 351 -6.78 -27.67 -28.53
CA VAL A 351 -8.12 -28.28 -28.49
C VAL A 351 -8.39 -28.70 -27.04
N THR A 352 -9.00 -27.77 -26.29
CA THR A 352 -9.41 -27.99 -24.92
C THR A 352 -10.67 -27.15 -24.67
N MET A 353 -11.41 -27.52 -23.63
CA MET A 353 -12.61 -26.76 -23.28
C MET A 353 -12.27 -25.32 -22.89
N ASP A 354 -11.21 -25.12 -22.11
CA ASP A 354 -10.88 -23.76 -21.71
C ASP A 354 -10.47 -22.93 -22.92
N GLN A 355 -9.81 -23.54 -23.90
CA GLN A 355 -9.51 -22.80 -25.13
C GLN A 355 -10.77 -22.47 -25.92
N LEU A 356 -11.81 -23.29 -25.80
CA LEU A 356 -13.06 -22.93 -26.45
C LEU A 356 -13.60 -21.61 -25.90
N SER A 357 -13.50 -21.42 -24.59
CA SER A 357 -13.86 -20.14 -23.97
C SER A 357 -13.00 -18.99 -24.48
N THR A 358 -11.68 -19.21 -24.56
CA THR A 358 -10.80 -18.18 -25.10
C THR A 358 -11.17 -17.83 -26.54
N VAL A 359 -11.51 -18.84 -27.36
CA VAL A 359 -11.95 -18.55 -28.72
C VAL A 359 -13.16 -17.63 -28.72
N HIS A 360 -14.14 -17.92 -27.85
CA HIS A 360 -15.31 -17.06 -27.77
C HIS A 360 -14.95 -15.65 -27.32
N HIS A 361 -14.06 -15.56 -26.34
CA HIS A 361 -13.54 -14.28 -25.90
C HIS A 361 -12.98 -13.47 -27.06
N GLU A 362 -12.10 -14.08 -27.85
CA GLU A 362 -11.51 -13.41 -28.99
C GLU A 362 -12.54 -13.04 -30.05
N MET A 363 -13.48 -13.94 -30.35
N MET A 363 -13.47 -13.95 -30.34
CA MET A 363 -14.45 -13.58 -31.36
CA MET A 363 -14.50 -13.64 -31.32
C MET A 363 -15.40 -12.49 -30.86
C MET A 363 -15.40 -12.51 -30.86
N GLY A 364 -15.57 -12.35 -29.54
CA GLY A 364 -16.30 -11.21 -29.03
C GLY A 364 -15.62 -9.90 -29.37
N HIS A 365 -14.29 -9.87 -29.27
CA HIS A 365 -13.55 -8.71 -29.71
C HIS A 365 -13.82 -8.41 -31.17
N ILE A 366 -13.71 -9.45 -32.03
CA ILE A 366 -13.92 -9.25 -33.46
C ILE A 366 -15.32 -8.72 -33.73
N GLN A 367 -16.31 -9.26 -33.03
CA GLN A 367 -17.68 -8.86 -33.29
C GLN A 367 -17.87 -7.39 -33.00
N TYR A 368 -17.28 -6.92 -31.88
CA TYR A 368 -17.30 -5.49 -31.59
C TYR A 368 -16.72 -4.71 -32.77
N TYR A 369 -15.54 -5.13 -33.27
CA TYR A 369 -14.93 -4.42 -34.40
C TYR A 369 -15.88 -4.37 -35.59
N LEU A 370 -16.52 -5.51 -35.91
CA LEU A 370 -17.42 -5.53 -37.05
C LEU A 370 -18.59 -4.58 -36.86
N GLN A 371 -19.09 -4.45 -35.63
CA GLN A 371 -20.31 -3.66 -35.43
C GLN A 371 -20.05 -2.16 -35.39
N TYR A 372 -18.87 -1.71 -34.95
CA TYR A 372 -18.63 -0.26 -34.88
C TYR A 372 -17.67 0.24 -35.97
N LYS A 373 -17.40 -0.58 -36.99
CA LYS A 373 -16.46 -0.22 -38.03
C LYS A 373 -16.86 1.03 -38.81
N ASP A 374 -18.13 1.40 -38.79
CA ASP A 374 -18.56 2.60 -39.51
C ASP A 374 -18.45 3.86 -38.68
N LEU A 375 -18.07 3.77 -37.43
CA LEU A 375 -17.88 4.98 -36.63
C LEU A 375 -16.53 5.62 -36.95
N PRO A 376 -16.34 6.89 -36.60
CA PRO A 376 -15.01 7.50 -36.68
C PRO A 376 -14.01 6.69 -35.90
N VAL A 377 -12.76 6.67 -36.40
CA VAL A 377 -11.75 5.77 -35.84
C VAL A 377 -11.59 5.99 -34.33
N SER A 378 -11.67 7.26 -33.88
CA SER A 378 -11.48 7.54 -32.47
C SER A 378 -12.56 6.92 -31.58
N LEU A 379 -13.72 6.57 -32.15
CA LEU A 379 -14.79 5.99 -31.36
C LEU A 379 -14.87 4.47 -31.52
N ARG A 380 -13.95 3.89 -32.29
CA ARG A 380 -13.88 2.45 -32.50
C ARG A 380 -13.16 1.81 -31.32
N ARG A 381 -13.89 1.76 -30.20
CA ARG A 381 -13.42 1.10 -29.00
C ARG A 381 -14.64 0.76 -28.15
N GLY A 382 -14.40 0.05 -27.05
CA GLY A 382 -15.49 -0.30 -26.17
C GLY A 382 -15.99 0.91 -25.42
N ALA A 383 -17.25 0.85 -24.98
CA ALA A 383 -17.79 1.93 -24.16
C ALA A 383 -16.83 2.22 -23.02
N ASN A 384 -16.26 1.14 -22.42
CA ASN A 384 -15.00 1.26 -21.68
C ASN A 384 -14.25 -0.05 -21.94
N PRO A 385 -12.99 -0.16 -21.57
CA PRO A 385 -12.25 -1.36 -21.98
C PRO A 385 -12.83 -2.65 -21.41
N GLY A 386 -13.45 -2.60 -20.24
CA GLY A 386 -14.10 -3.74 -19.66
C GLY A 386 -15.23 -4.29 -20.51
N PHE A 387 -15.95 -3.41 -21.23
CA PHE A 387 -16.97 -3.87 -22.16
C PHE A 387 -16.37 -4.76 -23.23
N HIS A 388 -15.24 -4.34 -23.80
CA HIS A 388 -14.64 -5.09 -24.88
C HIS A 388 -14.23 -6.49 -24.40
N GLU A 389 -13.76 -6.59 -23.17
CA GLU A 389 -13.32 -7.87 -22.61
C GLU A 389 -14.50 -8.77 -22.22
N ALA A 390 -15.71 -8.23 -22.12
CA ALA A 390 -16.85 -9.00 -21.62
C ALA A 390 -17.70 -9.65 -22.70
N ILE A 391 -17.61 -9.20 -23.96
CA ILE A 391 -18.59 -9.61 -24.96
C ILE A 391 -18.54 -11.12 -25.17
N GLY A 392 -17.36 -11.63 -25.51
CA GLY A 392 -17.24 -13.05 -25.80
C GLY A 392 -17.53 -13.91 -24.58
N ASP A 393 -17.14 -13.42 -23.41
CA ASP A 393 -17.35 -14.16 -22.17
C ASP A 393 -18.84 -14.36 -21.90
N VAL A 394 -19.68 -13.38 -22.28
CA VAL A 394 -21.11 -13.50 -22.06
C VAL A 394 -21.68 -14.68 -22.85
N LEU A 395 -21.29 -14.80 -24.11
CA LEU A 395 -21.72 -15.96 -24.91
C LEU A 395 -21.17 -17.25 -24.33
N ALA A 396 -19.91 -17.23 -23.85
CA ALA A 396 -19.31 -18.44 -23.30
C ALA A 396 -20.07 -18.93 -22.07
N LEU A 397 -20.72 -18.02 -21.34
CA LEU A 397 -21.55 -18.44 -20.21
C LEU A 397 -22.72 -19.31 -20.66
N SER A 398 -23.29 -18.99 -21.80
CA SER A 398 -24.40 -19.80 -22.36
C SER A 398 -23.86 -21.09 -22.97
N VAL A 399 -22.74 -21.00 -23.68
CA VAL A 399 -22.17 -22.18 -24.33
C VAL A 399 -21.82 -23.26 -23.31
N SER A 400 -21.36 -22.85 -22.12
N SER A 400 -21.35 -22.85 -22.12
CA SER A 400 -20.87 -23.80 -21.12
CA SER A 400 -20.86 -23.81 -21.14
C SER A 400 -21.97 -24.57 -20.42
C SER A 400 -21.96 -24.56 -20.39
N THR A 401 -23.21 -24.10 -20.47
CA THR A 401 -24.29 -24.81 -19.79
C THR A 401 -24.40 -26.23 -20.35
N PRO A 402 -24.77 -27.20 -19.50
CA PRO A 402 -24.91 -28.58 -20.00
C PRO A 402 -25.92 -28.74 -21.13
N GLU A 403 -27.06 -28.03 -21.07
CA GLU A 403 -28.00 -28.12 -22.17
C GLU A 403 -27.37 -27.67 -23.48
N HIS A 404 -26.54 -26.61 -23.45
CA HIS A 404 -25.97 -26.16 -24.71
C HIS A 404 -24.88 -27.13 -25.19
N LEU A 405 -24.04 -27.59 -24.28
CA LEU A 405 -23.04 -28.59 -24.63
C LEU A 405 -23.68 -29.80 -25.27
N HIS A 406 -24.85 -30.19 -24.76
CA HIS A 406 -25.58 -31.30 -25.35
C HIS A 406 -25.98 -31.00 -26.79
N LYS A 407 -26.51 -29.80 -27.03
CA LYS A 407 -26.95 -29.42 -28.36
C LYS A 407 -25.82 -29.49 -29.37
N ILE A 408 -24.59 -29.14 -28.96
CA ILE A 408 -23.47 -29.16 -29.90
C ILE A 408 -22.68 -30.46 -29.82
N GLY A 409 -23.25 -31.48 -29.21
CA GLY A 409 -22.70 -32.84 -29.30
C GLY A 409 -21.54 -33.15 -28.40
N LEU A 410 -21.29 -32.32 -27.37
CA LEU A 410 -20.16 -32.48 -26.47
C LEU A 410 -20.54 -33.11 -25.13
N LEU A 411 -21.81 -33.41 -24.90
CA LEU A 411 -22.25 -33.99 -23.64
C LEU A 411 -23.47 -34.86 -23.93
N ASP A 412 -23.35 -36.16 -23.70
CA ASP A 412 -24.42 -37.07 -24.11
C ASP A 412 -25.62 -36.98 -23.18
N ARG A 413 -25.40 -36.85 -21.88
CA ARG A 413 -26.47 -36.82 -20.90
C ARG A 413 -26.58 -35.43 -20.29
N VAL A 414 -27.80 -34.92 -20.21
CA VAL A 414 -28.10 -33.67 -19.52
C VAL A 414 -28.90 -34.01 -18.29
N THR A 415 -28.48 -33.50 -17.14
CA THR A 415 -29.21 -33.65 -15.90
C THR A 415 -29.57 -32.25 -15.40
N ASN A 416 -30.66 -32.17 -14.64
CA ASN A 416 -31.08 -30.89 -14.06
C ASN A 416 -31.46 -31.20 -12.61
N ASP A 417 -30.44 -31.27 -11.74
CA ASP A 417 -30.63 -31.60 -10.34
C ASP A 417 -29.57 -30.84 -9.55
N THR A 418 -29.72 -30.86 -8.23
CA THR A 418 -28.89 -29.97 -7.41
C THR A 418 -27.43 -30.41 -7.38
N GLU A 419 -27.17 -31.72 -7.42
CA GLU A 419 -25.78 -32.15 -7.45
C GLU A 419 -25.10 -31.70 -8.73
N SER A 420 -25.80 -31.82 -9.86
CA SER A 420 -25.27 -31.34 -11.12
C SER A 420 -25.10 -29.82 -11.09
N ASP A 421 -26.02 -29.11 -10.44
CA ASP A 421 -25.89 -27.65 -10.28
C ASP A 421 -24.61 -27.30 -9.55
N ILE A 422 -24.34 -27.99 -8.44
CA ILE A 422 -23.15 -27.70 -7.64
C ILE A 422 -21.89 -27.99 -8.44
N ASN A 423 -21.83 -29.15 -9.12
CA ASN A 423 -20.71 -29.44 -10.00
C ASN A 423 -20.49 -28.27 -10.96
N TYR A 424 -21.55 -27.86 -11.62
CA TYR A 424 -21.43 -26.87 -12.67
C TYR A 424 -20.95 -25.52 -12.11
N LEU A 425 -21.57 -25.09 -11.02
CA LEU A 425 -21.21 -23.81 -10.43
C LEU A 425 -19.82 -23.83 -9.84
N LEU A 426 -19.39 -24.98 -9.29
CA LEU A 426 -18.03 -25.07 -8.81
C LEU A 426 -17.05 -24.95 -9.96
N LYS A 427 -17.31 -25.65 -11.07
CA LYS A 427 -16.43 -25.54 -12.22
C LYS A 427 -16.38 -24.12 -12.74
N MET A 428 -17.54 -23.46 -12.81
CA MET A 428 -17.53 -22.06 -13.26
C MET A 428 -16.80 -21.16 -12.28
N ALA A 429 -16.91 -21.44 -10.97
CA ALA A 429 -16.20 -20.61 -9.98
C ALA A 429 -14.69 -20.77 -10.10
N LEU A 430 -14.20 -21.97 -10.44
CA LEU A 430 -12.77 -22.15 -10.65
C LEU A 430 -12.26 -21.26 -11.77
N GLU A 431 -13.14 -20.91 -12.70
CA GLU A 431 -12.87 -20.09 -13.87
C GLU A 431 -13.08 -18.60 -13.58
N LYS A 432 -14.16 -18.26 -12.89
CA LYS A 432 -14.60 -16.88 -12.75
C LYS A 432 -14.30 -16.30 -11.38
N ILE A 433 -14.53 -17.06 -10.31
CA ILE A 433 -14.27 -16.54 -8.98
C ILE A 433 -12.78 -16.52 -8.70
N ALA A 434 -12.06 -17.61 -9.07
CA ALA A 434 -10.64 -17.65 -8.78
C ALA A 434 -9.87 -16.54 -9.45
N PHE A 435 -10.37 -16.06 -10.59
CA PHE A 435 -9.69 -15.01 -11.35
C PHE A 435 -9.78 -13.65 -10.66
N LEU A 436 -10.86 -13.40 -9.93
CA LEU A 436 -11.15 -12.05 -9.43
C LEU A 436 -9.97 -11.41 -8.69
N PRO A 437 -9.35 -12.04 -7.69
CA PRO A 437 -8.20 -11.38 -7.03
C PRO A 437 -7.07 -11.08 -7.98
N PHE A 438 -6.83 -11.93 -8.99
CA PHE A 438 -5.74 -11.69 -9.91
C PHE A 438 -6.08 -10.52 -10.85
N GLY A 439 -7.29 -10.51 -11.39
CA GLY A 439 -7.71 -9.42 -12.23
C GLY A 439 -7.63 -8.08 -11.53
N TYR A 440 -7.87 -8.07 -10.22
CA TYR A 440 -7.84 -6.85 -9.42
C TYR A 440 -6.40 -6.43 -9.12
N LEU A 441 -5.51 -7.39 -8.83
CA LEU A 441 -4.22 -7.01 -8.24
C LEU A 441 -3.20 -6.56 -9.28
N VAL A 442 -3.32 -6.99 -10.54
CA VAL A 442 -2.24 -6.75 -11.51
C VAL A 442 -2.03 -5.24 -11.70
N ASP A 443 -3.11 -4.49 -11.89
CA ASP A 443 -2.92 -3.08 -12.09
C ASP A 443 -2.75 -2.31 -10.79
N GLN A 444 -3.14 -2.86 -9.64
CA GLN A 444 -2.69 -2.24 -8.39
C GLN A 444 -1.17 -2.23 -8.36
N TRP A 445 -0.54 -3.33 -8.78
CA TRP A 445 0.92 -3.37 -8.87
C TRP A 445 1.43 -2.30 -9.83
N ARG A 446 0.90 -2.27 -11.04
CA ARG A 446 1.40 -1.32 -12.02
C ARG A 446 1.09 0.11 -11.64
N TRP A 447 -0.08 0.38 -11.03
CA TRP A 447 -0.36 1.76 -10.62
C TRP A 447 0.68 2.23 -9.62
N GLY A 448 1.15 1.33 -8.75
CA GLY A 448 2.18 1.70 -7.80
C GLY A 448 3.52 1.92 -8.46
N VAL A 449 3.82 1.13 -9.49
CA VAL A 449 5.06 1.32 -10.25
C VAL A 449 5.01 2.66 -10.97
N PHE A 450 3.91 2.94 -11.64
CA PHE A 450 3.80 4.19 -12.40
C PHE A 450 3.85 5.39 -11.46
N SER A 451 3.26 5.28 -10.28
CA SER A 451 3.21 6.43 -9.37
C SER A 451 4.55 6.64 -8.66
N GLY A 452 5.44 5.66 -8.71
CA GLY A 452 6.67 5.72 -7.95
C GLY A 452 6.58 5.14 -6.55
N ARG A 453 5.42 4.67 -6.12
CA ARG A 453 5.34 4.02 -4.82
C ARG A 453 6.18 2.74 -4.81
N THR A 454 6.29 2.09 -5.97
CA THR A 454 7.03 0.82 -6.12
C THR A 454 8.19 1.09 -7.05
N PRO A 455 9.36 1.42 -6.50
CA PRO A 455 10.55 1.58 -7.35
C PRO A 455 11.08 0.22 -7.77
N PRO A 456 12.00 0.21 -8.73
CA PRO A 456 12.59 -1.08 -9.16
C PRO A 456 13.08 -1.95 -8.03
N SER A 457 13.60 -1.36 -6.94
CA SER A 457 14.11 -2.14 -5.82
C SER A 457 13.02 -2.86 -5.04
N ARG A 458 11.74 -2.64 -5.36
CA ARG A 458 10.65 -3.36 -4.72
C ARG A 458 9.68 -4.01 -5.72
N TYR A 459 10.04 -4.08 -6.99
CA TYR A 459 9.15 -4.72 -7.97
C TYR A 459 8.63 -6.08 -7.47
N ASN A 460 9.52 -6.97 -7.04
CA ASN A 460 9.08 -8.34 -6.72
C ASN A 460 8.46 -8.42 -5.33
N PHE A 461 9.02 -7.64 -4.40
CA PHE A 461 8.48 -7.54 -3.05
C PHE A 461 7.02 -7.11 -3.09
N ASP A 462 6.71 -6.09 -3.88
CA ASP A 462 5.34 -5.58 -3.88
C ASP A 462 4.42 -6.49 -4.73
N TRP A 463 4.96 -7.11 -5.77
CA TRP A 463 4.19 -8.09 -6.53
C TRP A 463 3.72 -9.23 -5.63
N TRP A 464 4.65 -9.85 -4.88
CA TRP A 464 4.27 -10.96 -4.04
C TRP A 464 3.46 -10.51 -2.82
N TYR A 465 3.69 -9.28 -2.32
CA TYR A 465 2.76 -8.76 -1.31
C TYR A 465 1.32 -8.84 -1.81
N LEU A 466 1.09 -8.32 -3.02
CA LEU A 466 -0.25 -8.30 -3.59
C LEU A 466 -0.74 -9.71 -3.95
N ARG A 467 0.13 -10.56 -4.50
CA ARG A 467 -0.28 -11.92 -4.83
C ARG A 467 -0.74 -12.67 -3.59
N THR A 468 0.00 -12.55 -2.49
CA THR A 468 -0.44 -13.16 -1.24
C THR A 468 -1.68 -12.45 -0.67
N LYS A 469 -1.67 -11.10 -0.65
CA LYS A 469 -2.79 -10.38 -0.07
C LYS A 469 -4.13 -10.78 -0.68
N TYR A 470 -4.20 -10.80 -2.00
CA TYR A 470 -5.45 -11.07 -2.71
C TYR A 470 -5.67 -12.53 -3.08
N GLN A 471 -4.68 -13.18 -3.68
CA GLN A 471 -4.88 -14.55 -4.13
C GLN A 471 -4.60 -15.58 -3.04
N GLY A 472 -3.86 -15.23 -2.00
CA GLY A 472 -3.55 -16.24 -0.99
C GLY A 472 -2.67 -17.36 -1.55
N ILE A 473 -1.70 -17.01 -2.38
CA ILE A 473 -0.71 -17.92 -2.90
C ILE A 473 0.66 -17.43 -2.49
N CYS A 474 1.63 -18.33 -2.60
CA CYS A 474 3.03 -18.01 -2.28
C CYS A 474 3.93 -18.63 -3.33
N PRO A 475 5.08 -18.04 -3.59
CA PRO A 475 6.02 -18.65 -4.52
C PRO A 475 6.55 -19.96 -3.94
N PRO A 476 6.67 -20.99 -4.77
CA PRO A 476 7.15 -22.30 -4.26
C PRO A 476 8.66 -22.39 -4.09
N VAL A 477 9.42 -21.41 -4.57
CA VAL A 477 10.84 -21.26 -4.28
C VAL A 477 11.07 -19.82 -3.85
N THR A 478 12.15 -19.62 -3.11
CA THR A 478 12.47 -18.26 -2.66
C THR A 478 12.71 -17.33 -3.84
N ARG A 479 12.13 -16.12 -3.79
CA ARG A 479 12.36 -15.11 -4.80
C ARG A 479 13.04 -13.90 -4.15
N ASN A 480 13.69 -13.11 -4.99
CA ASN A 480 14.35 -11.87 -4.55
C ASN A 480 14.25 -10.85 -5.69
N GLU A 481 14.88 -9.70 -5.51
CA GLU A 481 14.68 -8.63 -6.48
C GLU A 481 15.50 -8.80 -7.75
N THR A 482 16.28 -9.86 -7.88
CA THR A 482 16.79 -10.23 -9.19
C THR A 482 15.65 -10.78 -10.05
N HIS A 483 14.70 -11.41 -9.42
CA HIS A 483 13.52 -11.89 -10.13
C HIS A 483 12.55 -10.76 -10.40
N PHE A 484 11.79 -10.91 -11.50
CA PHE A 484 10.80 -9.89 -11.93
C PHE A 484 9.57 -10.70 -12.36
N ASP A 485 8.85 -11.23 -11.38
CA ASP A 485 7.81 -12.21 -11.68
C ASP A 485 6.59 -11.57 -12.33
N ALA A 486 6.32 -10.30 -12.04
CA ALA A 486 5.27 -9.61 -12.80
C ALA A 486 5.53 -9.66 -14.29
N GLY A 487 6.82 -9.57 -14.68
CA GLY A 487 7.15 -9.56 -16.10
C GLY A 487 6.91 -10.88 -16.80
N ALA A 488 6.68 -11.95 -16.06
CA ALA A 488 6.41 -13.28 -16.63
C ALA A 488 4.94 -13.47 -16.96
N LYS A 489 4.14 -12.41 -16.83
CA LYS A 489 2.76 -12.37 -17.28
C LYS A 489 2.66 -11.48 -18.51
N PHE A 490 2.05 -12.00 -19.60
CA PHE A 490 2.05 -11.37 -20.91
C PHE A 490 1.82 -9.86 -20.86
N HIS A 491 0.78 -9.42 -20.14
CA HIS A 491 0.30 -8.05 -20.26
C HIS A 491 1.30 -7.01 -19.73
N VAL A 492 2.24 -7.43 -18.91
CA VAL A 492 3.18 -6.48 -18.31
C VAL A 492 4.21 -6.08 -19.35
N PRO A 493 5.02 -6.98 -19.89
CA PRO A 493 5.95 -6.55 -20.96
C PRO A 493 5.24 -6.03 -22.22
N ASN A 494 4.01 -6.50 -22.49
CA ASN A 494 3.28 -6.04 -23.66
C ASN A 494 2.41 -4.81 -23.38
N VAL A 495 2.53 -4.24 -22.20
CA VAL A 495 1.94 -2.96 -21.84
C VAL A 495 0.46 -2.91 -22.21
N THR A 496 -0.26 -3.93 -21.76
CA THR A 496 -1.69 -4.03 -21.92
C THR A 496 -2.34 -3.93 -20.56
N PRO A 497 -3.18 -2.91 -20.33
CA PRO A 497 -3.82 -2.78 -19.01
C PRO A 497 -4.64 -3.98 -18.63
N TYR A 498 -4.84 -4.15 -17.31
CA TYR A 498 -5.46 -5.36 -16.79
C TYR A 498 -6.74 -5.14 -16.02
N ILE A 499 -6.98 -3.95 -15.47
CA ILE A 499 -8.16 -3.76 -14.63
C ILE A 499 -9.42 -4.08 -15.45
N ARG A 500 -9.38 -3.86 -16.76
CA ARG A 500 -10.46 -4.23 -17.67
C ARG A 500 -10.95 -5.66 -17.48
N TYR A 501 -10.06 -6.59 -17.09
CA TYR A 501 -10.53 -7.97 -16.94
C TYR A 501 -11.32 -8.15 -15.64
N PHE A 502 -10.91 -7.47 -14.57
CA PHE A 502 -11.73 -7.48 -13.36
C PHE A 502 -13.09 -6.87 -13.62
N VAL A 503 -13.11 -5.70 -14.28
CA VAL A 503 -14.38 -5.06 -14.65
C VAL A 503 -15.22 -6.02 -15.49
N SER A 504 -14.58 -6.66 -16.47
CA SER A 504 -15.26 -7.63 -17.34
C SER A 504 -15.92 -8.77 -16.57
N PHE A 505 -15.21 -9.35 -15.60
CA PHE A 505 -15.74 -10.51 -14.90
C PHE A 505 -16.96 -10.15 -14.06
N VAL A 506 -17.06 -8.90 -13.61
CA VAL A 506 -18.28 -8.43 -12.96
C VAL A 506 -19.35 -8.10 -14.00
N LEU A 507 -18.95 -7.37 -15.04
CA LEU A 507 -19.88 -6.88 -16.04
C LEU A 507 -20.57 -8.03 -16.78
N GLN A 508 -19.82 -9.10 -17.08
CA GLN A 508 -20.40 -10.14 -17.93
C GLN A 508 -21.61 -10.77 -17.27
N PHE A 509 -21.65 -10.81 -15.94
CA PHE A 509 -22.83 -11.33 -15.27
C PHE A 509 -23.99 -10.32 -15.30
N GLN A 510 -23.69 -9.02 -15.24
CA GLN A 510 -24.76 -8.06 -15.45
C GLN A 510 -25.34 -8.20 -16.86
N PHE A 511 -24.46 -8.34 -17.87
CA PHE A 511 -24.93 -8.51 -19.25
C PHE A 511 -25.76 -9.79 -19.38
N HIS A 512 -25.23 -10.90 -18.85
CA HIS A 512 -25.91 -12.19 -18.94
C HIS A 512 -27.32 -12.12 -18.38
N GLU A 513 -27.46 -11.52 -17.20
CA GLU A 513 -28.77 -11.42 -16.57
C GLU A 513 -29.74 -10.63 -17.46
N ALA A 514 -29.27 -9.51 -18.03
CA ALA A 514 -30.12 -8.70 -18.87
C ALA A 514 -30.49 -9.42 -20.16
N LEU A 515 -29.53 -10.08 -20.80
CA LEU A 515 -29.84 -10.78 -22.05
C LEU A 515 -30.72 -11.99 -21.81
N CYS A 516 -30.54 -12.69 -20.68
CA CYS A 516 -31.43 -13.79 -20.33
C CYS A 516 -32.85 -13.31 -20.08
N LYS A 517 -33.03 -12.21 -19.35
CA LYS A 517 -34.36 -11.64 -19.20
C LYS A 517 -34.94 -11.26 -20.56
N GLU A 518 -34.14 -10.59 -21.40
CA GLU A 518 -34.62 -10.18 -22.71
C GLU A 518 -34.98 -11.38 -23.58
N ALA A 519 -34.29 -12.52 -23.40
CA ALA A 519 -34.60 -13.73 -24.15
C ALA A 519 -35.83 -14.45 -23.64
N GLY A 520 -36.45 -13.98 -22.55
CA GLY A 520 -37.60 -14.65 -21.99
C GLY A 520 -37.29 -15.82 -21.07
N TYR A 521 -36.04 -16.03 -20.71
CA TYR A 521 -35.67 -17.14 -19.84
C TYR A 521 -36.08 -16.84 -18.41
N GLU A 522 -36.64 -17.84 -17.73
CA GLU A 522 -37.23 -17.66 -16.42
C GLU A 522 -36.58 -18.47 -15.30
N GLY A 523 -35.73 -19.43 -15.60
CA GLY A 523 -35.14 -20.27 -14.59
C GLY A 523 -33.88 -19.70 -13.96
N PRO A 524 -33.13 -20.54 -13.25
CA PRO A 524 -31.91 -20.06 -12.58
C PRO A 524 -30.94 -19.45 -13.58
N LEU A 525 -30.28 -18.37 -13.14
CA LEU A 525 -29.37 -17.65 -14.03
C LEU A 525 -28.32 -18.56 -14.65
N HIS A 526 -27.84 -19.53 -13.89
CA HIS A 526 -26.72 -20.36 -14.36
C HIS A 526 -27.14 -21.41 -15.38
N GLN A 527 -28.44 -21.58 -15.64
CA GLN A 527 -28.90 -22.50 -16.67
C GLN A 527 -29.44 -21.77 -17.89
N CYS A 528 -29.33 -20.45 -17.94
CA CYS A 528 -29.78 -19.70 -19.09
C CYS A 528 -28.85 -19.94 -20.28
N ASP A 529 -29.45 -20.09 -21.45
CA ASP A 529 -28.76 -20.15 -22.73
C ASP A 529 -29.45 -19.19 -23.69
N ILE A 530 -28.76 -18.13 -24.12
CA ILE A 530 -29.40 -17.15 -25.01
C ILE A 530 -29.26 -17.53 -26.47
N TYR A 531 -28.72 -18.73 -26.74
CA TYR A 531 -28.62 -19.22 -28.11
C TYR A 531 -29.91 -19.03 -28.88
N ARG A 532 -29.78 -18.50 -30.09
CA ARG A 532 -30.86 -18.27 -31.05
C ARG A 532 -31.88 -17.22 -30.60
N SER A 533 -31.57 -16.45 -29.58
CA SER A 533 -32.45 -15.36 -29.15
C SER A 533 -32.11 -14.09 -29.93
N THR A 534 -32.89 -13.81 -30.96
CA THR A 534 -32.66 -12.59 -31.72
C THR A 534 -33.00 -11.34 -30.91
N LYS A 535 -33.90 -11.45 -29.92
CA LYS A 535 -34.16 -10.33 -29.03
C LYS A 535 -32.92 -9.99 -28.19
N ALA A 536 -32.27 -11.02 -27.61
CA ALA A 536 -31.02 -10.77 -26.89
C ALA A 536 -29.96 -10.23 -27.84
N GLY A 537 -29.90 -10.78 -29.05
CA GLY A 537 -28.95 -10.27 -30.03
C GLY A 537 -29.15 -8.81 -30.33
N ALA A 538 -30.39 -8.37 -30.44
CA ALA A 538 -30.67 -6.96 -30.73
C ALA A 538 -30.19 -6.07 -29.59
N LYS A 539 -30.34 -6.53 -28.35
CA LYS A 539 -29.90 -5.73 -27.20
C LYS A 539 -28.39 -5.64 -27.17
N LEU A 540 -27.70 -6.76 -27.41
CA LEU A 540 -26.24 -6.75 -27.48
C LEU A 540 -25.76 -5.90 -28.65
N ARG A 541 -26.44 -5.98 -29.79
CA ARG A 541 -26.00 -5.23 -30.97
C ARG A 541 -26.02 -3.72 -30.71
N LYS A 542 -27.01 -3.25 -29.95
CA LYS A 542 -27.09 -1.82 -29.66
C LYS A 542 -25.86 -1.37 -28.88
N VAL A 543 -25.39 -2.19 -27.95
CA VAL A 543 -24.15 -1.88 -27.23
C VAL A 543 -22.98 -1.83 -28.19
N LEU A 544 -22.85 -2.88 -29.03
CA LEU A 544 -21.63 -3.01 -29.86
C LEU A 544 -21.53 -1.88 -30.87
N ARG A 545 -22.66 -1.50 -31.48
CA ARG A 545 -22.65 -0.46 -32.49
C ARG A 545 -22.36 0.92 -31.91
N ALA A 546 -22.44 1.07 -30.59
CA ALA A 546 -22.22 2.38 -29.98
C ALA A 546 -20.73 2.72 -29.87
N GLY A 547 -19.85 1.70 -29.86
CA GLY A 547 -18.43 2.02 -29.66
C GLY A 547 -18.26 2.82 -28.38
N SER A 548 -17.40 3.84 -28.45
CA SER A 548 -17.23 4.80 -27.36
C SER A 548 -17.94 6.11 -27.66
N SER A 549 -18.97 6.08 -28.50
CA SER A 549 -19.67 7.32 -28.87
C SER A 549 -20.42 7.91 -27.68
N ARG A 550 -20.73 7.10 -26.67
CA ARG A 550 -21.54 7.53 -25.54
C ARG A 550 -20.91 7.10 -24.22
N PRO A 551 -21.16 7.84 -23.15
CA PRO A 551 -20.64 7.44 -21.83
C PRO A 551 -21.05 6.04 -21.47
N TRP A 552 -20.07 5.25 -20.99
CA TRP A 552 -20.36 3.84 -20.71
C TRP A 552 -21.49 3.70 -19.70
N GLN A 553 -21.58 4.62 -18.72
CA GLN A 553 -22.63 4.53 -17.71
C GLN A 553 -24.02 4.58 -18.34
N GLU A 554 -24.19 5.39 -19.38
CA GLU A 554 -25.48 5.49 -20.04
C GLU A 554 -25.75 4.28 -20.93
N VAL A 555 -24.72 3.81 -21.64
CA VAL A 555 -24.86 2.58 -22.43
C VAL A 555 -25.24 1.42 -21.53
N LEU A 556 -24.60 1.31 -20.37
CA LEU A 556 -24.93 0.23 -19.43
C LEU A 556 -26.36 0.36 -18.92
N LYS A 557 -26.79 1.59 -18.59
CA LYS A 557 -28.15 1.80 -18.10
C LYS A 557 -29.18 1.36 -19.14
N ASP A 558 -28.96 1.71 -20.41
CA ASP A 558 -29.87 1.28 -21.46
C ASP A 558 -29.91 -0.25 -21.55
N MET A 559 -28.80 -0.90 -21.30
CA MET A 559 -28.73 -2.35 -21.48
C MET A 559 -29.30 -3.10 -20.27
N VAL A 560 -28.82 -2.78 -19.06
CA VAL A 560 -29.16 -3.57 -17.88
C VAL A 560 -30.01 -2.83 -16.88
N GLY A 561 -30.27 -1.55 -17.07
CA GLY A 561 -31.13 -0.81 -16.17
C GLY A 561 -30.42 -0.10 -15.04
N LEU A 562 -29.09 -0.20 -14.98
CA LEU A 562 -28.28 0.39 -13.93
C LEU A 562 -27.11 1.11 -14.56
N ASP A 563 -26.73 2.27 -14.02
CA ASP A 563 -25.63 3.06 -14.58
C ASP A 563 -24.31 2.80 -13.86
N ALA A 564 -24.13 1.59 -13.30
CA ALA A 564 -22.93 1.33 -12.51
C ALA A 564 -22.61 -0.16 -12.52
N LEU A 565 -21.32 -0.44 -12.36
CA LEU A 565 -20.91 -1.82 -12.09
C LEU A 565 -21.59 -2.33 -10.83
N ASP A 566 -22.01 -3.59 -10.85
CA ASP A 566 -22.79 -4.18 -9.76
C ASP A 566 -22.44 -5.66 -9.65
N ALA A 567 -22.10 -6.07 -8.42
CA ALA A 567 -21.74 -7.46 -8.13
C ALA A 567 -22.95 -8.36 -7.93
N GLN A 568 -24.15 -7.80 -7.76
CA GLN A 568 -25.28 -8.65 -7.38
C GLN A 568 -25.57 -9.69 -8.44
N PRO A 569 -25.49 -9.42 -9.74
CA PRO A 569 -25.77 -10.49 -10.72
C PRO A 569 -24.80 -11.65 -10.61
N LEU A 570 -23.51 -11.37 -10.37
CA LEU A 570 -22.55 -12.45 -10.17
C LEU A 570 -22.89 -13.23 -8.91
N LEU A 571 -23.19 -12.52 -7.83
CA LEU A 571 -23.52 -13.17 -6.57
C LEU A 571 -24.76 -14.04 -6.75
N LYS A 572 -25.73 -13.58 -7.52
CA LYS A 572 -26.96 -14.35 -7.71
C LYS A 572 -26.69 -15.61 -8.55
N TYR A 573 -25.86 -15.47 -9.59
CA TYR A 573 -25.47 -16.62 -10.41
C TYR A 573 -24.89 -17.73 -9.55
N PHE A 574 -24.01 -17.38 -8.61
CA PHE A 574 -23.25 -18.35 -7.82
C PHE A 574 -23.86 -18.69 -6.48
N GLN A 575 -25.01 -18.11 -6.12
CA GLN A 575 -25.57 -18.23 -4.77
C GLN A 575 -25.60 -19.66 -4.25
N LEU A 576 -26.03 -20.62 -5.07
CA LEU A 576 -26.14 -22.00 -4.60
C LEU A 576 -24.79 -22.56 -4.16
N VAL A 577 -23.74 -22.33 -4.95
CA VAL A 577 -22.45 -22.93 -4.58
C VAL A 577 -21.75 -22.10 -3.51
N THR A 578 -22.02 -20.80 -3.45
CA THR A 578 -21.55 -19.99 -2.33
C THR A 578 -22.04 -20.56 -1.01
N GLN A 579 -23.33 -20.85 -0.91
CA GLN A 579 -23.85 -21.43 0.33
C GLN A 579 -23.29 -22.82 0.56
N TRP A 580 -23.15 -23.63 -0.48
CA TRP A 580 -22.65 -24.99 -0.33
C TRP A 580 -21.20 -24.99 0.16
N LEU A 581 -20.35 -24.16 -0.46
CA LEU A 581 -18.95 -24.10 -0.03
C LEU A 581 -18.84 -23.66 1.43
N GLN A 582 -19.60 -22.65 1.83
CA GLN A 582 -19.60 -22.24 3.23
C GLN A 582 -19.94 -23.41 4.14
N GLU A 583 -21.00 -24.16 3.79
CA GLU A 583 -21.36 -25.33 4.59
C GLU A 583 -20.25 -26.36 4.64
N GLN A 584 -19.63 -26.64 3.49
CA GLN A 584 -18.56 -27.64 3.46
C GLN A 584 -17.38 -27.19 4.32
N ASN A 585 -16.99 -25.93 4.21
CA ASN A 585 -15.83 -25.44 4.94
C ASN A 585 -16.09 -25.44 6.45
N GLN A 586 -17.32 -25.09 6.86
CA GLN A 586 -17.66 -25.18 8.28
C GLN A 586 -17.63 -26.63 8.76
N GLN A 587 -18.25 -27.54 7.99
CA GLN A 587 -18.27 -28.94 8.39
C GLN A 587 -16.87 -29.51 8.46
N ASN A 588 -15.97 -29.09 7.57
CA ASN A 588 -14.61 -29.58 7.54
C ASN A 588 -13.69 -28.87 8.52
N GLY A 589 -14.19 -27.88 9.25
CA GLY A 589 -13.34 -27.15 10.17
C GLY A 589 -12.30 -26.26 9.53
N GLU A 590 -12.57 -25.70 8.36
CA GLU A 590 -11.54 -24.96 7.68
C GLU A 590 -11.30 -23.62 8.37
N VAL A 591 -10.10 -23.09 8.14
CA VAL A 591 -9.79 -21.70 8.43
C VAL A 591 -9.89 -20.92 7.11
N LEU A 592 -10.77 -19.91 7.07
CA LEU A 592 -10.85 -19.09 5.88
C LEU A 592 -9.69 -18.11 5.86
N GLY A 593 -9.09 -17.94 4.70
CA GLY A 593 -7.91 -17.10 4.62
C GLY A 593 -6.63 -17.88 4.90
N TRP A 594 -5.56 -17.12 5.11
CA TRP A 594 -4.22 -17.69 5.24
C TRP A 594 -3.49 -16.92 6.33
N PRO A 595 -3.90 -17.09 7.59
CA PRO A 595 -3.23 -16.37 8.68
C PRO A 595 -1.75 -16.72 8.83
N GLU A 596 -1.31 -17.91 8.36
CA GLU A 596 0.12 -18.21 8.36
C GLU A 596 0.76 -17.66 7.09
N TYR A 597 0.71 -16.31 6.98
CA TYR A 597 1.01 -15.62 5.74
C TYR A 597 2.49 -15.72 5.35
N GLN A 598 3.35 -16.07 6.30
CA GLN A 598 4.79 -16.15 6.03
C GLN A 598 5.18 -17.51 5.46
N TRP A 599 4.27 -18.47 5.46
CA TRP A 599 4.64 -19.84 5.12
C TRP A 599 4.93 -19.97 3.64
N HIS A 600 5.99 -20.73 3.32
CA HIS A 600 6.35 -21.18 1.98
C HIS A 600 6.69 -22.66 2.06
N PRO A 601 6.39 -23.44 1.01
CA PRO A 601 6.70 -24.90 1.08
C PRO A 601 8.19 -25.16 1.01
N PRO A 602 8.65 -26.30 1.51
CA PRO A 602 10.05 -26.69 1.32
C PRO A 602 10.31 -27.06 -0.13
N LEU A 603 11.59 -27.09 -0.46
CA LEU A 603 11.97 -27.59 -1.77
C LEU A 603 11.94 -29.12 -1.77
N PRO A 604 11.55 -29.74 -2.87
CA PRO A 604 11.70 -31.22 -2.96
C PRO A 604 13.13 -31.66 -2.71
N ASP A 605 13.28 -32.90 -2.22
CA ASP A 605 14.58 -33.38 -1.78
C ASP A 605 15.61 -33.33 -2.90
N ASN A 606 15.24 -33.81 -4.09
CA ASN A 606 16.19 -33.93 -5.18
C ASN A 606 15.89 -32.90 -6.26
N TYR A 607 15.90 -31.62 -5.89
CA TYR A 607 15.48 -30.57 -6.81
C TYR A 607 16.64 -29.67 -7.20
N PRO A 608 16.82 -29.35 -8.49
CA PRO A 608 16.04 -29.82 -9.64
C PRO A 608 16.49 -31.19 -10.17
N GLU A 609 17.57 -31.73 -9.62
CA GLU A 609 18.03 -33.05 -9.99
C GLU A 609 16.88 -34.06 -9.89
N LEU B 1 -23.36 15.76 34.62
CA LEU B 1 -22.44 16.92 34.52
C LEU B 1 -22.96 18.11 35.31
N ASP B 2 -22.20 18.54 36.30
CA ASP B 2 -22.49 19.72 37.10
C ASP B 2 -23.03 20.85 36.23
N PRO B 3 -24.19 21.42 36.57
CA PRO B 3 -24.71 22.54 35.78
C PRO B 3 -23.75 23.70 35.64
N GLY B 4 -22.95 24.00 36.67
CA GLY B 4 -21.94 25.04 36.55
C GLY B 4 -20.95 24.82 35.42
N LEU B 5 -20.84 23.60 34.92
CA LEU B 5 -19.91 23.27 33.83
C LEU B 5 -20.59 23.19 32.47
N GLN B 6 -21.87 23.46 32.42
CA GLN B 6 -22.62 23.39 31.18
C GLN B 6 -22.67 24.77 30.51
N PRO B 7 -22.82 24.80 29.19
CA PRO B 7 -22.75 26.09 28.49
C PRO B 7 -24.02 26.90 28.68
N GLY B 8 -23.84 28.21 28.85
CA GLY B 8 -24.94 29.14 28.97
C GLY B 8 -25.43 29.58 27.61
N GLN B 9 -26.01 30.78 27.57
CA GLN B 9 -26.56 31.33 26.34
C GLN B 9 -25.58 32.31 25.72
N PHE B 10 -25.40 32.20 24.41
CA PHE B 10 -24.49 33.02 23.64
C PHE B 10 -25.12 33.34 22.30
N SER B 11 -24.79 34.53 21.76
CA SER B 11 -25.31 34.90 20.45
C SER B 11 -24.62 34.10 19.35
N ALA B 12 -25.36 33.86 18.27
CA ALA B 12 -24.85 33.13 17.11
C ALA B 12 -24.09 34.05 16.15
N ASP B 13 -22.99 34.61 16.65
CA ASP B 13 -22.11 35.42 15.82
C ASP B 13 -20.72 35.37 16.43
N GLU B 14 -19.75 35.98 15.75
CA GLU B 14 -18.36 35.89 16.21
C GLU B 14 -18.20 36.50 17.59
N ALA B 15 -18.91 37.59 17.86
CA ALA B 15 -18.81 38.24 19.17
C ALA B 15 -19.27 37.30 20.29
N GLY B 16 -20.41 36.63 20.10
CA GLY B 16 -20.84 35.65 21.07
C GLY B 16 -19.94 34.44 21.13
N ALA B 17 -19.37 34.04 19.99
CA ALA B 17 -18.46 32.90 19.98
C ALA B 17 -17.20 33.20 20.79
N GLN B 18 -16.78 34.45 20.84
CA GLN B 18 -15.63 34.80 21.69
C GLN B 18 -15.98 34.62 23.16
N LEU B 19 -17.16 35.10 23.58
CA LEU B 19 -17.61 34.85 24.94
C LEU B 19 -17.77 33.35 25.19
N PHE B 20 -18.29 32.63 24.19
CA PHE B 20 -18.49 31.19 24.32
C PHE B 20 -17.17 30.49 24.57
N ALA B 21 -16.15 30.83 23.76
CA ALA B 21 -14.83 30.23 23.92
C ALA B 21 -14.24 30.55 25.29
N GLN B 22 -14.45 31.77 25.79
CA GLN B 22 -13.92 32.11 27.12
C GLN B 22 -14.60 31.28 28.20
N SER B 23 -15.92 31.09 28.09
N SER B 23 -15.92 31.09 28.10
CA SER B 23 -16.64 30.29 29.08
CA SER B 23 -16.63 30.30 29.09
C SER B 23 -16.24 28.82 28.98
C SER B 23 -16.29 28.82 28.98
N TYR B 24 -16.05 28.35 27.76
CA TYR B 24 -15.66 26.94 27.56
C TYR B 24 -14.35 26.64 28.27
N GLN B 25 -13.35 27.48 28.04
CA GLN B 25 -12.01 27.16 28.50
C GLN B 25 -11.89 27.29 30.01
N SER B 26 -12.62 28.22 30.64
CA SER B 26 -12.65 28.26 32.10
C SER B 26 -13.22 26.97 32.68
N SER B 27 -14.32 26.48 32.12
CA SER B 27 -14.93 25.25 32.66
C SER B 27 -14.10 24.02 32.27
N ALA B 28 -13.43 24.08 31.13
CA ALA B 28 -12.64 22.93 30.67
C ALA B 28 -11.45 22.64 31.59
N GLU B 29 -10.86 23.67 32.22
CA GLU B 29 -9.71 23.43 33.09
C GLU B 29 -10.06 22.44 34.20
N GLN B 30 -11.26 22.56 34.76
CA GLN B 30 -11.65 21.72 35.88
C GLN B 30 -11.87 20.29 35.44
N VAL B 31 -12.44 20.11 34.24
CA VAL B 31 -12.73 18.76 33.76
C VAL B 31 -11.44 18.08 33.34
N LEU B 32 -10.57 18.81 32.64
CA LEU B 32 -9.27 18.26 32.28
C LEU B 32 -8.47 17.86 33.52
N PHE B 33 -8.46 18.71 34.55
CA PHE B 33 -7.67 18.37 35.72
C PHE B 33 -8.12 17.06 36.36
N GLN B 34 -9.43 16.89 36.54
CA GLN B 34 -9.90 15.67 37.21
C GLN B 34 -9.55 14.45 36.37
N SER B 35 -9.60 14.58 35.05
CA SER B 35 -9.24 13.45 34.19
C SER B 35 -7.74 13.16 34.29
N VAL B 36 -6.90 14.18 34.13
CA VAL B 36 -5.46 13.93 34.19
C VAL B 36 -5.09 13.38 35.56
N ALA B 37 -5.66 13.95 36.62
CA ALA B 37 -5.38 13.47 37.97
C ALA B 37 -5.71 11.98 38.11
N ALA B 38 -6.87 11.56 37.61
CA ALA B 38 -7.24 10.14 37.71
C ALA B 38 -6.34 9.25 36.88
N SER B 39 -5.92 9.72 35.70
CA SER B 39 -4.99 8.95 34.89
C SER B 39 -3.63 8.82 35.58
N TRP B 40 -3.20 9.89 36.26
CA TRP B 40 -1.93 9.82 36.97
C TRP B 40 -1.99 8.76 38.07
N ALA B 41 -3.06 8.79 38.87
CA ALA B 41 -3.23 7.80 39.94
C ALA B 41 -3.18 6.38 39.40
N HIS B 42 -3.69 6.17 38.20
CA HIS B 42 -3.66 4.83 37.62
C HIS B 42 -2.28 4.48 37.08
N ASP B 43 -1.69 5.37 36.27
CA ASP B 43 -0.44 5.04 35.59
C ASP B 43 0.74 4.89 36.57
N THR B 44 0.67 5.52 37.73
CA THR B 44 1.68 5.33 38.77
C THR B 44 1.28 4.27 39.78
N ASN B 45 0.25 3.48 39.48
CA ASN B 45 -0.31 2.53 40.45
C ASN B 45 -1.45 1.78 39.79
N ILE B 46 -1.10 0.82 38.94
CA ILE B 46 -2.09 0.13 38.10
C ILE B 46 -2.89 -0.83 38.97
N THR B 47 -4.18 -0.53 39.16
CA THR B 47 -5.08 -1.39 39.91
C THR B 47 -6.46 -1.30 39.29
N ALA B 48 -7.32 -2.25 39.66
CA ALA B 48 -8.70 -2.23 39.16
C ALA B 48 -9.45 -1.00 39.64
N GLU B 49 -9.24 -0.62 40.90
CA GLU B 49 -9.96 0.55 41.42
C GLU B 49 -9.52 1.82 40.71
N ASN B 50 -8.21 1.97 40.47
CA ASN B 50 -7.75 3.18 39.81
C ASN B 50 -8.16 3.21 38.36
N ALA B 51 -8.27 2.04 37.74
CA ALA B 51 -8.86 1.95 36.40
C ALA B 51 -10.31 2.37 36.42
N ARG B 52 -11.08 1.91 37.40
CA ARG B 52 -12.46 2.35 37.55
C ARG B 52 -12.55 3.87 37.65
N ARG B 53 -11.66 4.48 38.43
CA ARG B 53 -11.77 5.91 38.68
C ARG B 53 -11.41 6.73 37.44
N GLN B 54 -10.37 6.32 36.70
CA GLN B 54 -10.03 7.06 35.49
C GLN B 54 -11.14 6.89 34.44
N GLU B 55 -11.83 5.76 34.46
CA GLU B 55 -12.94 5.57 33.52
C GLU B 55 -14.15 6.44 33.88
N GLU B 56 -14.39 6.66 35.17
CA GLU B 56 -15.46 7.57 35.56
C GLU B 56 -15.11 8.99 35.16
N ALA B 57 -13.82 9.35 35.28
CA ALA B 57 -13.38 10.69 34.91
C ALA B 57 -13.47 10.89 33.41
N ALA B 58 -13.18 9.85 32.65
CA ALA B 58 -13.35 9.90 31.19
C ALA B 58 -14.81 10.14 30.83
N LEU B 59 -15.73 9.49 31.53
CA LEU B 59 -17.16 9.68 31.26
C LEU B 59 -17.57 11.15 31.48
N LEU B 60 -17.08 11.76 32.57
CA LEU B 60 -17.39 13.16 32.81
C LEU B 60 -16.82 14.04 31.71
N SER B 61 -15.59 13.76 31.29
CA SER B 61 -15.02 14.51 30.18
C SER B 61 -15.87 14.38 28.92
N GLN B 62 -16.44 13.21 28.69
CA GLN B 62 -17.27 13.00 27.51
C GLN B 62 -18.61 13.72 27.61
N GLU B 63 -19.26 13.67 28.77
CA GLU B 63 -20.44 14.50 28.96
C GLU B 63 -20.12 15.97 28.74
N PHE B 64 -18.99 16.44 29.27
CA PHE B 64 -18.61 17.84 29.10
C PHE B 64 -18.38 18.14 27.62
N ALA B 65 -17.60 17.31 26.93
CA ALA B 65 -17.34 17.53 25.52
C ALA B 65 -18.64 17.51 24.71
N GLU B 66 -19.60 16.70 25.15
CA GLU B 66 -20.86 16.60 24.43
C GLU B 66 -21.70 17.87 24.59
N ALA B 67 -21.83 18.36 25.82
CA ALA B 67 -22.65 19.56 26.06
C ALA B 67 -22.10 20.74 25.27
N TRP B 68 -20.79 21.01 25.42
CA TRP B 68 -20.21 22.18 24.76
C TRP B 68 -20.10 21.98 23.27
N GLY B 69 -19.72 20.78 22.83
CA GLY B 69 -19.65 20.53 21.40
C GLY B 69 -20.99 20.65 20.71
N GLN B 70 -22.05 20.13 21.35
CA GLN B 70 -23.39 20.27 20.78
C GLN B 70 -23.83 21.74 20.73
N LYS B 71 -23.60 22.48 21.81
CA LYS B 71 -23.93 23.91 21.78
C LYS B 71 -23.13 24.62 20.72
N ALA B 72 -21.83 24.30 20.61
CA ALA B 72 -21.00 24.92 19.59
C ALA B 72 -21.60 24.70 18.20
N LYS B 73 -22.09 23.50 17.92
CA LYS B 73 -22.63 23.24 16.60
C LYS B 73 -23.98 23.91 16.39
N GLU B 74 -24.82 23.94 17.44
CA GLU B 74 -26.09 24.65 17.34
C GLU B 74 -25.90 26.12 16.98
N LEU B 75 -24.89 26.77 17.57
CA LEU B 75 -24.74 28.21 17.37
C LEU B 75 -23.85 28.54 16.17
N TYR B 76 -22.78 27.78 15.93
CA TYR B 76 -21.72 28.24 15.03
C TYR B 76 -21.38 27.31 13.88
N GLU B 77 -21.90 26.08 13.86
CA GLU B 77 -21.49 25.12 12.84
C GLU B 77 -21.53 25.69 11.42
N PRO B 78 -22.54 26.47 11.02
CA PRO B 78 -22.52 27.03 9.66
C PRO B 78 -21.59 28.22 9.45
N ILE B 79 -21.06 28.84 10.50
CA ILE B 79 -20.40 30.13 10.35
C ILE B 79 -19.00 30.20 10.94
N TRP B 80 -18.57 29.31 11.84
CA TRP B 80 -17.30 29.53 12.51
C TRP B 80 -16.13 29.53 11.51
N GLN B 81 -16.21 28.70 10.47
CA GLN B 81 -15.16 28.70 9.46
C GLN B 81 -14.98 30.06 8.80
N GLN B 82 -15.94 30.97 8.94
CA GLN B 82 -15.88 32.28 8.31
C GLN B 82 -15.54 33.40 9.28
N PHE B 83 -15.36 33.09 10.56
CA PHE B 83 -14.90 34.11 11.52
C PHE B 83 -13.58 34.72 11.04
N THR B 84 -13.39 36.00 11.37
CA THR B 84 -12.16 36.68 10.98
C THR B 84 -11.01 36.34 11.93
N ASP B 85 -11.28 36.34 13.25
CA ASP B 85 -10.29 35.96 14.25
C ASP B 85 -9.77 34.57 13.97
N PRO B 86 -8.50 34.41 13.57
CA PRO B 86 -8.00 33.06 13.27
C PRO B 86 -7.86 32.17 14.50
N GLN B 87 -7.50 32.74 15.65
N GLN B 87 -7.51 32.76 15.65
CA GLN B 87 -7.42 31.94 16.88
CA GLN B 87 -7.43 31.97 16.88
C GLN B 87 -8.80 31.40 17.26
C GLN B 87 -8.78 31.43 17.30
N LEU B 88 -9.85 32.19 17.05
CA LEU B 88 -11.19 31.76 17.42
C LEU B 88 -11.69 30.63 16.53
N ARG B 89 -11.34 30.67 15.23
CA ARG B 89 -11.66 29.54 14.36
C ARG B 89 -11.02 28.26 14.87
N ARG B 90 -9.77 28.34 15.34
CA ARG B 90 -9.10 27.16 15.89
C ARG B 90 -9.85 26.61 17.09
N ILE B 91 -10.20 27.48 18.04
CA ILE B 91 -10.87 27.04 19.26
C ILE B 91 -12.23 26.44 18.92
N ILE B 92 -13.04 27.16 18.14
CA ILE B 92 -14.39 26.67 17.88
C ILE B 92 -14.34 25.37 17.06
N GLY B 93 -13.44 25.31 16.08
CA GLY B 93 -13.30 24.09 15.31
C GLY B 93 -12.99 22.87 16.18
N ALA B 94 -12.18 23.06 17.21
CA ALA B 94 -11.88 21.96 18.12
C ALA B 94 -13.12 21.54 18.89
N VAL B 95 -13.84 22.52 19.47
CA VAL B 95 -14.95 22.21 20.35
C VAL B 95 -16.04 21.45 19.62
N ARG B 96 -16.28 21.79 18.34
CA ARG B 96 -17.35 21.13 17.60
C ARG B 96 -16.98 19.70 17.19
N THR B 97 -15.78 19.22 17.54
CA THR B 97 -15.35 17.84 17.26
C THR B 97 -15.49 17.05 18.56
N LEU B 98 -16.49 16.18 18.62
CA LEU B 98 -16.84 15.51 19.87
C LEU B 98 -16.04 14.23 20.12
N GLY B 99 -15.47 13.64 19.08
CA GLY B 99 -14.74 12.40 19.29
C GLY B 99 -15.59 11.36 19.99
N SER B 100 -15.02 10.72 21.01
CA SER B 100 -15.73 9.65 21.69
C SER B 100 -17.02 10.13 22.36
N ALA B 101 -17.17 11.44 22.59
CA ALA B 101 -18.44 11.94 23.12
C ALA B 101 -19.61 11.70 22.15
N ASN B 102 -19.31 11.38 20.88
CA ASN B 102 -20.37 11.03 19.94
C ASN B 102 -20.98 9.67 20.24
N LEU B 103 -20.30 8.84 21.02
CA LEU B 103 -20.79 7.51 21.31
C LEU B 103 -21.89 7.55 22.38
N PRO B 104 -22.85 6.63 22.31
CA PRO B 104 -23.79 6.48 23.41
C PRO B 104 -23.08 5.93 24.64
N LEU B 105 -23.74 6.05 25.80
CA LEU B 105 -23.08 5.75 27.06
C LEU B 105 -22.46 4.37 27.06
N ALA B 106 -23.22 3.35 26.63
CA ALA B 106 -22.70 1.99 26.67
C ALA B 106 -21.40 1.86 25.89
N LYS B 107 -21.31 2.55 24.74
CA LYS B 107 -20.08 2.46 23.96
C LYS B 107 -18.98 3.35 24.50
N ARG B 108 -19.34 4.47 25.14
CA ARG B 108 -18.35 5.23 25.88
C ARG B 108 -17.69 4.36 26.95
N GLN B 109 -18.50 3.60 27.70
CA GLN B 109 -17.97 2.74 28.74
C GLN B 109 -17.07 1.66 28.15
N GLN B 110 -17.49 1.05 27.05
CA GLN B 110 -16.66 0.06 26.37
C GLN B 110 -15.36 0.71 25.84
N TYR B 111 -15.48 1.89 25.23
CA TYR B 111 -14.30 2.59 24.71
C TYR B 111 -13.32 2.91 25.83
N ASN B 112 -13.82 3.45 26.95
CA ASN B 112 -12.94 3.81 28.06
C ASN B 112 -12.30 2.57 28.69
N ALA B 113 -13.04 1.48 28.79
CA ALA B 113 -12.50 0.26 29.39
C ALA B 113 -11.45 -0.39 28.49
N LEU B 114 -11.66 -0.34 27.17
CA LEU B 114 -10.63 -0.85 26.26
C LEU B 114 -9.30 -0.11 26.46
N LEU B 115 -9.36 1.22 26.62
CA LEU B 115 -8.12 1.97 26.82
C LEU B 115 -7.45 1.57 28.12
N SER B 116 -8.24 1.41 29.20
N SER B 116 -8.23 1.42 29.20
CA SER B 116 -7.66 0.98 30.47
CA SER B 116 -7.67 0.97 30.47
C SER B 116 -7.07 -0.42 30.36
C SER B 116 -7.05 -0.41 30.35
N GLN B 117 -7.77 -1.33 29.70
CA GLN B 117 -7.29 -2.72 29.66
C GLN B 117 -6.12 -2.90 28.71
N MET B 118 -6.10 -2.22 27.56
CA MET B 118 -4.94 -2.26 26.69
C MET B 118 -3.71 -1.66 27.38
N SER B 119 -3.92 -0.60 28.14
CA SER B 119 -2.81 0.00 28.90
C SER B 119 -2.28 -1.00 29.92
N ARG B 120 -3.19 -1.66 30.65
CA ARG B 120 -2.76 -2.62 31.66
C ARG B 120 -1.98 -3.76 31.06
N ILE B 121 -2.46 -4.31 29.94
CA ILE B 121 -1.79 -5.45 29.33
C ILE B 121 -0.36 -5.09 28.93
N TYR B 122 -0.18 -3.96 28.27
CA TYR B 122 1.14 -3.58 27.81
C TYR B 122 2.10 -3.39 28.99
N SER B 123 1.66 -2.69 30.02
CA SER B 123 2.62 -2.27 31.06
C SER B 123 2.80 -3.30 32.17
N THR B 124 1.99 -4.36 32.21
CA THR B 124 2.13 -5.42 33.20
C THR B 124 2.56 -6.74 32.58
N ALA B 125 2.68 -6.83 31.27
CA ALA B 125 3.12 -8.07 30.65
C ALA B 125 4.54 -8.41 31.10
N LYS B 126 4.80 -9.71 31.22
CA LYS B 126 6.09 -10.23 31.69
C LYS B 126 6.53 -11.41 30.82
N VAL B 127 7.83 -11.66 30.80
CA VAL B 127 8.43 -12.83 30.18
C VAL B 127 9.02 -13.69 31.29
N CYS B 128 8.47 -14.87 31.49
CA CYS B 128 8.85 -15.73 32.61
C CYS B 128 9.65 -16.94 32.14
N LEU B 129 10.23 -17.64 33.13
CA LEU B 129 11.21 -18.71 32.91
C LEU B 129 12.48 -18.09 32.33
N THR B 135 10.95 -16.81 38.13
CA THR B 135 11.07 -15.36 38.08
C THR B 135 10.66 -14.83 36.71
N CYS B 136 10.23 -13.57 36.66
CA CYS B 136 9.67 -13.00 35.44
C CYS B 136 10.29 -11.65 35.14
N TRP B 137 10.59 -11.40 33.87
CA TRP B 137 11.25 -10.20 33.41
C TRP B 137 10.22 -9.19 32.91
N SER B 138 10.35 -7.95 33.35
CA SER B 138 9.56 -6.84 32.83
C SER B 138 10.29 -6.22 31.65
N LEU B 139 9.53 -5.49 30.82
CA LEU B 139 10.15 -4.77 29.72
C LEU B 139 11.18 -3.79 30.23
N ASP B 140 10.80 -3.01 31.22
CA ASP B 140 11.65 -1.96 31.79
C ASP B 140 11.85 -2.26 33.27
N PRO B 141 13.07 -2.59 33.73
CA PRO B 141 14.33 -2.54 32.98
C PRO B 141 14.82 -3.84 32.33
N ASP B 142 14.20 -4.98 32.63
CA ASP B 142 14.88 -6.27 32.39
C ASP B 142 15.10 -6.52 30.91
N LEU B 143 14.01 -6.55 30.13
CA LEU B 143 14.15 -6.88 28.71
C LEU B 143 14.85 -5.76 27.95
N THR B 144 14.62 -4.51 28.35
CA THR B 144 15.37 -3.40 27.78
C THR B 144 16.89 -3.61 27.94
N ASN B 145 17.30 -4.01 29.13
CA ASN B 145 18.73 -4.19 29.40
C ASN B 145 19.30 -5.36 28.60
N ILE B 146 18.52 -6.43 28.45
CA ILE B 146 18.96 -7.58 27.64
C ILE B 146 19.15 -7.16 26.19
N LEU B 147 18.14 -6.49 25.62
CA LEU B 147 18.25 -6.03 24.23
C LEU B 147 19.44 -5.09 24.04
N ALA B 148 19.77 -4.29 25.07
CA ALA B 148 20.81 -3.29 24.90
C ALA B 148 22.20 -3.90 25.04
N SER B 149 22.36 -4.88 25.93
CA SER B 149 23.68 -5.32 26.36
C SER B 149 24.02 -6.76 26.03
N SER B 150 23.04 -7.63 25.78
CA SER B 150 23.39 -9.01 25.46
C SER B 150 23.92 -9.09 24.03
N ARG B 151 24.91 -9.96 23.83
N ARG B 151 24.91 -9.96 23.83
CA ARG B 151 25.43 -10.26 22.51
CA ARG B 151 25.41 -10.26 22.50
C ARG B 151 25.29 -11.76 22.21
C ARG B 151 25.29 -11.75 22.20
N SER B 152 24.40 -12.44 22.92
CA SER B 152 24.05 -13.82 22.65
C SER B 152 22.81 -13.82 21.78
N TYR B 153 22.95 -14.33 20.54
CA TYR B 153 21.84 -14.33 19.61
C TYR B 153 20.62 -14.98 20.24
N ALA B 154 20.81 -16.11 20.95
CA ALA B 154 19.68 -16.85 21.49
C ALA B 154 19.02 -16.13 22.65
N MET B 155 19.81 -15.46 23.48
CA MET B 155 19.24 -14.68 24.58
C MET B 155 18.43 -13.50 24.06
N LEU B 156 18.97 -12.78 23.10
CA LEU B 156 18.23 -11.68 22.48
C LEU B 156 16.94 -12.19 21.85
N LEU B 157 17.00 -13.36 21.22
CA LEU B 157 15.82 -13.92 20.58
C LEU B 157 14.75 -14.24 21.61
N PHE B 158 15.15 -14.88 22.72
CA PHE B 158 14.20 -15.23 23.77
C PHE B 158 13.50 -13.97 24.29
N ALA B 159 14.26 -12.90 24.53
CA ALA B 159 13.66 -11.67 25.03
C ALA B 159 12.73 -11.05 23.98
N TRP B 160 13.18 -11.01 22.73
CA TRP B 160 12.38 -10.40 21.66
C TRP B 160 11.09 -11.18 21.40
N GLU B 161 11.20 -12.49 21.22
CA GLU B 161 10.01 -13.29 20.98
C GLU B 161 9.11 -13.29 22.21
N GLY B 162 9.71 -13.45 23.40
CA GLY B 162 8.92 -13.48 24.61
C GLY B 162 8.11 -12.20 24.81
N TRP B 163 8.74 -11.05 24.59
CA TRP B 163 8.04 -9.78 24.76
C TRP B 163 6.93 -9.63 23.71
N HIS B 164 7.25 -9.84 22.44
CA HIS B 164 6.26 -9.65 21.41
C HIS B 164 5.06 -10.57 21.61
N ASN B 165 5.32 -11.83 22.00
CA ASN B 165 4.20 -12.74 22.27
C ASN B 165 3.40 -12.31 23.49
N ALA B 166 4.08 -11.91 24.57
CA ALA B 166 3.40 -11.65 25.83
C ALA B 166 2.50 -10.42 25.73
N ALA B 167 2.94 -9.41 24.99
CA ALA B 167 2.18 -8.17 24.87
C ALA B 167 1.20 -8.22 23.71
N GLY B 168 1.67 -8.63 22.53
CA GLY B 168 0.85 -8.51 21.34
C GLY B 168 -0.35 -9.44 21.30
N ILE B 169 -0.13 -10.72 21.60
CA ILE B 169 -1.21 -11.70 21.40
C ILE B 169 -2.46 -11.34 22.16
N PRO B 170 -2.44 -11.03 23.45
CA PRO B 170 -3.69 -10.70 24.16
C PRO B 170 -4.28 -9.35 23.78
N LEU B 171 -3.51 -8.47 23.18
CA LEU B 171 -4.03 -7.15 22.82
C LEU B 171 -4.93 -7.19 21.59
N LYS B 172 -4.72 -8.14 20.70
CA LYS B 172 -5.32 -8.05 19.38
C LYS B 172 -6.84 -7.95 19.41
N PRO B 173 -7.57 -8.80 20.13
CA PRO B 173 -9.04 -8.64 20.14
C PRO B 173 -9.49 -7.31 20.69
N LEU B 174 -8.76 -6.75 21.65
CA LEU B 174 -9.12 -5.45 22.21
C LEU B 174 -8.89 -4.35 21.18
N TYR B 175 -7.77 -4.42 20.46
CA TYR B 175 -7.45 -3.37 19.50
C TYR B 175 -8.45 -3.34 18.36
N GLU B 176 -8.91 -4.50 17.92
CA GLU B 176 -9.96 -4.54 16.90
C GLU B 176 -11.20 -3.78 17.38
N ASP B 177 -11.62 -4.05 18.62
CA ASP B 177 -12.81 -3.39 19.17
C ASP B 177 -12.60 -1.89 19.32
N PHE B 178 -11.44 -1.50 19.84
CA PHE B 178 -11.13 -0.08 19.98
C PHE B 178 -11.19 0.63 18.64
N THR B 179 -10.57 0.02 17.62
CA THR B 179 -10.52 0.64 16.31
C THR B 179 -11.93 0.93 15.79
N ALA B 180 -12.83 -0.04 15.96
CA ALA B 180 -14.19 0.13 15.47
C ALA B 180 -14.93 1.24 16.21
N LEU B 181 -14.78 1.30 17.53
CA LEU B 181 -15.44 2.35 18.31
C LEU B 181 -14.84 3.71 17.98
N SER B 182 -13.52 3.77 17.88
CA SER B 182 -12.87 5.02 17.53
C SER B 182 -13.37 5.55 16.19
N ASN B 183 -13.42 4.68 15.17
CA ASN B 183 -13.93 5.12 13.87
C ASN B 183 -15.40 5.55 13.94
N GLU B 184 -16.23 4.81 14.66
CA GLU B 184 -17.63 5.19 14.76
C GLU B 184 -17.75 6.59 15.37
N ALA B 185 -16.91 6.89 16.35
CA ALA B 185 -16.94 8.17 17.04
C ALA B 185 -16.57 9.30 16.09
N TYR B 186 -15.43 9.18 15.40
CA TYR B 186 -14.93 10.30 14.61
C TYR B 186 -15.62 10.44 13.27
N LYS B 187 -16.24 9.38 12.75
CA LYS B 187 -17.05 9.55 11.55
C LYS B 187 -18.21 10.50 11.82
N GLN B 188 -18.78 10.45 13.02
CA GLN B 188 -19.88 11.36 13.37
C GLN B 188 -19.41 12.81 13.48
N ASP B 189 -18.11 13.06 13.51
CA ASP B 189 -17.56 14.40 13.40
C ASP B 189 -17.29 14.81 11.95
N GLY B 190 -17.56 13.92 10.98
CA GLY B 190 -17.35 14.24 9.59
C GLY B 190 -16.03 13.75 9.01
N PHE B 191 -15.24 13.01 9.77
CA PHE B 191 -13.98 12.48 9.27
C PHE B 191 -14.23 11.10 8.68
N THR B 192 -13.47 10.77 7.64
CA THR B 192 -13.66 9.47 6.99
C THR B 192 -13.25 8.33 7.94
N ASP B 193 -12.21 8.56 8.76
CA ASP B 193 -11.85 7.65 9.81
C ASP B 193 -10.96 8.40 10.80
N THR B 194 -10.60 7.71 11.89
CA THR B 194 -9.78 8.32 12.94
C THR B 194 -8.45 8.79 12.41
N GLY B 195 -7.84 8.04 11.49
CA GLY B 195 -6.56 8.45 10.93
C GLY B 195 -6.65 9.79 10.22
N ALA B 196 -7.74 10.00 9.48
CA ALA B 196 -7.96 11.29 8.84
C ALA B 196 -8.05 12.40 9.89
N TYR B 197 -8.63 12.08 11.05
CA TYR B 197 -8.70 13.09 12.11
C TYR B 197 -7.30 13.39 12.64
N TRP B 198 -6.51 12.36 12.86
CA TRP B 198 -5.13 12.56 13.33
C TRP B 198 -4.33 13.39 12.34
N ARG B 199 -4.44 13.08 11.06
CA ARG B 199 -3.66 13.80 10.06
C ARG B 199 -4.12 15.25 9.95
N SER B 200 -5.40 15.52 10.24
CA SER B 200 -5.91 16.88 10.11
C SER B 200 -5.19 17.86 11.03
N TRP B 201 -4.54 17.37 12.08
CA TRP B 201 -3.85 18.25 13.01
C TRP B 201 -2.77 19.07 12.34
N TYR B 202 -2.19 18.57 11.25
CA TYR B 202 -1.13 19.28 10.57
C TYR B 202 -1.64 20.29 9.55
N ASN B 203 -2.96 20.45 9.44
N ASN B 203 -2.95 20.46 9.42
CA ASN B 203 -3.60 21.42 8.54
CA ASN B 203 -3.57 21.46 8.54
C ASN B 203 -2.80 21.61 7.27
C ASN B 203 -2.77 21.64 7.26
N SER B 204 -2.57 20.52 6.54
CA SER B 204 -1.82 20.57 5.29
C SER B 204 -2.52 19.69 4.27
N PRO B 205 -2.94 20.25 3.12
CA PRO B 205 -3.62 19.40 2.13
C PRO B 205 -2.72 18.34 1.53
N THR B 206 -1.40 18.59 1.49
CA THR B 206 -0.46 17.68 0.87
C THR B 206 0.37 16.89 1.90
N PHE B 207 -0.13 16.72 3.13
CA PHE B 207 0.68 16.17 4.22
C PHE B 207 1.39 14.89 3.80
N GLU B 208 0.64 13.89 3.34
CA GLU B 208 1.24 12.58 3.11
C GLU B 208 2.27 12.64 1.99
N ASP B 209 2.00 13.40 0.93
CA ASP B 209 2.99 13.58 -0.12
C ASP B 209 4.22 14.31 0.40
N ASP B 210 4.02 15.34 1.22
CA ASP B 210 5.14 16.06 1.79
C ASP B 210 6.05 15.13 2.61
N LEU B 211 5.44 14.23 3.38
CA LEU B 211 6.22 13.26 4.16
C LEU B 211 6.99 12.32 3.25
N GLU B 212 6.34 11.81 2.21
CA GLU B 212 7.01 10.88 1.30
C GLU B 212 8.21 11.55 0.64
N HIS B 213 8.08 12.85 0.33
CA HIS B 213 9.18 13.57 -0.31
C HIS B 213 10.31 13.82 0.68
N LEU B 214 9.99 14.08 1.94
CA LEU B 214 11.04 14.15 2.95
C LEU B 214 11.75 12.80 3.07
N TYR B 215 10.98 11.72 3.13
CA TYR B 215 11.63 10.43 3.33
C TYR B 215 12.51 10.04 2.15
N GLN B 216 12.12 10.41 0.93
CA GLN B 216 12.95 10.15 -0.24
C GLN B 216 14.32 10.78 -0.14
N GLN B 217 14.42 11.98 0.47
CA GLN B 217 15.69 12.64 0.62
C GLN B 217 16.53 12.01 1.72
N LEU B 218 15.89 11.42 2.70
CA LEU B 218 16.56 10.85 3.85
C LEU B 218 16.96 9.39 3.62
N GLU B 219 16.22 8.67 2.77
CA GLU B 219 16.43 7.22 2.68
C GLU B 219 17.85 6.83 2.31
N PRO B 220 18.56 7.53 1.44
CA PRO B 220 19.94 7.13 1.14
C PRO B 220 20.83 7.14 2.38
N LEU B 221 20.61 8.06 3.32
CA LEU B 221 21.38 8.05 4.56
C LEU B 221 21.10 6.79 5.35
N TYR B 222 19.81 6.39 5.45
CA TYR B 222 19.48 5.22 6.21
C TYR B 222 20.03 3.96 5.53
N LEU B 223 19.97 3.91 4.20
CA LEU B 223 20.43 2.71 3.50
C LEU B 223 21.93 2.49 3.73
N ASN B 224 22.71 3.57 3.75
CA ASN B 224 24.15 3.43 3.97
C ASN B 224 24.46 3.06 5.41
N LEU B 225 23.74 3.66 6.36
CA LEU B 225 23.94 3.26 7.74
C LEU B 225 23.59 1.80 7.95
N HIS B 226 22.44 1.38 7.38
CA HIS B 226 21.97 0.01 7.50
C HIS B 226 23.02 -0.99 6.99
N ALA B 227 23.53 -0.76 5.79
CA ALA B 227 24.51 -1.67 5.20
C ALA B 227 25.77 -1.77 6.04
N PHE B 228 26.21 -0.63 6.59
CA PHE B 228 27.41 -0.59 7.42
C PHE B 228 27.20 -1.38 8.71
N VAL B 229 26.06 -1.20 9.36
CA VAL B 229 25.76 -1.92 10.59
C VAL B 229 25.53 -3.41 10.30
N ARG B 230 24.88 -3.71 9.18
CA ARG B 230 24.68 -5.10 8.80
C ARG B 230 26.03 -5.83 8.65
N ARG B 231 27.02 -5.16 8.06
CA ARG B 231 28.36 -5.75 7.94
C ARG B 231 28.97 -6.06 9.30
N ALA B 232 28.80 -5.14 10.27
CA ALA B 232 29.31 -5.36 11.62
C ALA B 232 28.61 -6.51 12.31
N LEU B 233 27.29 -6.60 12.16
CA LEU B 233 26.56 -7.74 12.71
C LEU B 233 26.99 -9.05 12.07
N HIS B 234 27.32 -9.02 10.77
CA HIS B 234 27.81 -10.21 10.10
C HIS B 234 29.12 -10.69 10.71
N ARG B 235 30.00 -9.75 11.02
CA ARG B 235 31.27 -10.07 11.66
C ARG B 235 31.04 -10.75 13.01
N ARG B 236 30.04 -10.30 13.75
CA ARG B 236 29.77 -10.83 15.07
C ARG B 236 29.04 -12.17 15.00
N TYR B 237 27.98 -12.25 14.19
CA TYR B 237 27.09 -13.40 14.24
C TYR B 237 27.24 -14.39 13.11
N GLY B 238 27.92 -14.03 12.02
CA GLY B 238 28.27 -14.98 10.98
C GLY B 238 27.21 -15.11 9.89
N ASP B 239 27.58 -15.84 8.84
CA ASP B 239 26.77 -15.95 7.64
C ASP B 239 25.45 -16.66 7.87
N ARG B 240 25.34 -17.48 8.92
CA ARG B 240 24.10 -18.22 9.15
C ARG B 240 22.99 -17.28 9.63
N TYR B 241 23.32 -16.28 10.43
CA TYR B 241 22.34 -15.42 11.07
C TYR B 241 22.25 -14.05 10.43
N ILE B 242 23.16 -13.69 9.54
CA ILE B 242 23.15 -12.41 8.86
C ILE B 242 23.30 -12.63 7.36
N ASN B 243 22.36 -12.11 6.59
CA ASN B 243 22.41 -12.15 5.13
C ASN B 243 22.85 -10.76 4.66
N LEU B 244 24.03 -10.69 4.03
CA LEU B 244 24.56 -9.39 3.64
C LEU B 244 23.74 -8.72 2.55
N ARG B 245 22.80 -9.45 1.95
CA ARG B 245 21.88 -8.88 0.95
C ARG B 245 20.43 -8.91 1.38
N GLY B 246 20.16 -9.17 2.67
CA GLY B 246 18.80 -9.28 3.15
C GLY B 246 18.52 -8.41 4.36
N PRO B 247 17.31 -8.49 4.90
CA PRO B 247 16.99 -7.68 6.07
C PRO B 247 17.73 -8.17 7.30
N ILE B 248 17.96 -7.24 8.23
CA ILE B 248 18.62 -7.55 9.50
C ILE B 248 17.60 -8.18 10.43
N PRO B 249 17.92 -9.28 11.13
CA PRO B 249 17.02 -9.78 12.16
C PRO B 249 16.71 -8.73 13.22
N ALA B 250 15.42 -8.63 13.57
CA ALA B 250 14.91 -7.45 14.27
C ALA B 250 15.35 -7.35 15.72
N HIS B 251 16.07 -8.34 16.27
CA HIS B 251 16.42 -8.36 17.67
C HIS B 251 17.88 -7.98 17.92
N LEU B 252 18.64 -7.62 16.87
CA LEU B 252 20.09 -7.51 16.96
C LEU B 252 20.60 -6.08 17.02
N LEU B 253 19.69 -5.10 17.10
CA LEU B 253 20.07 -3.71 16.89
C LEU B 253 20.04 -2.91 18.20
N GLY B 254 19.92 -3.56 19.34
CA GLY B 254 20.11 -2.92 20.64
C GLY B 254 18.86 -2.48 21.34
N ASP B 255 17.70 -2.68 20.71
CA ASP B 255 16.46 -2.02 21.09
C ASP B 255 15.35 -2.98 20.71
N MET B 256 14.34 -3.09 21.58
CA MET B 256 13.25 -4.06 21.33
C MET B 256 12.58 -3.84 19.99
N TRP B 257 12.50 -2.60 19.50
CA TRP B 257 11.81 -2.28 18.26
C TRP B 257 12.76 -1.94 17.14
N ALA B 258 14.06 -2.10 17.35
CA ALA B 258 15.09 -1.70 16.40
C ALA B 258 14.93 -0.24 15.99
N GLN B 259 14.42 0.61 16.88
CA GLN B 259 14.09 1.97 16.50
C GLN B 259 15.23 2.96 16.69
N SER B 260 16.16 2.65 17.58
CA SER B 260 17.41 3.38 17.71
C SER B 260 18.49 2.34 17.99
N TRP B 261 19.66 2.55 17.39
CA TRP B 261 20.72 1.56 17.37
C TRP B 261 21.92 1.97 18.23
N GLU B 262 21.76 2.96 19.10
CA GLU B 262 22.94 3.46 19.82
C GLU B 262 23.57 2.39 20.71
N ASN B 263 22.78 1.41 21.14
CA ASN B 263 23.32 0.41 22.07
C ASN B 263 24.28 -0.58 21.43
N ILE B 264 24.37 -0.63 20.09
N ILE B 264 24.38 -0.63 20.10
CA ILE B 264 25.38 -1.47 19.44
CA ILE B 264 25.38 -1.48 19.45
C ILE B 264 26.56 -0.63 18.95
C ILE B 264 26.55 -0.64 18.93
N TYR B 265 26.67 0.62 19.41
CA TYR B 265 27.80 1.48 19.01
C TYR B 265 29.14 0.79 19.20
N ASP B 266 29.30 0.06 20.28
CA ASP B 266 30.60 -0.54 20.55
C ASP B 266 31.00 -1.54 19.46
N MET B 267 30.04 -2.11 18.74
CA MET B 267 30.36 -3.05 17.67
C MET B 267 30.67 -2.37 16.35
N VAL B 268 30.29 -1.12 16.17
CA VAL B 268 30.42 -0.43 14.88
C VAL B 268 31.33 0.77 14.94
N VAL B 269 31.85 1.14 16.11
CA VAL B 269 32.58 2.40 16.25
C VAL B 269 33.72 2.42 15.23
N PRO B 270 33.76 3.42 14.33
CA PRO B 270 34.81 3.45 13.31
C PRO B 270 36.22 3.33 13.85
N PHE B 271 36.55 4.05 14.92
CA PHE B 271 37.91 4.16 15.44
C PHE B 271 37.89 3.79 16.91
N PRO B 272 37.95 2.50 17.23
CA PRO B 272 37.73 2.06 18.62
C PRO B 272 38.83 2.47 19.57
N ASP B 273 39.98 2.90 19.05
CA ASP B 273 41.08 3.35 19.90
C ASP B 273 40.80 4.69 20.59
N LYS B 274 39.89 5.49 20.04
CA LYS B 274 39.62 6.84 20.55
C LYS B 274 38.82 6.78 21.84
N PRO B 275 38.63 7.91 22.51
CA PRO B 275 37.83 7.91 23.74
C PRO B 275 36.40 7.46 23.48
N ASN B 276 35.82 6.83 24.49
CA ASN B 276 34.48 6.25 24.39
C ASN B 276 33.43 7.36 24.58
N LEU B 277 32.66 7.62 23.52
CA LEU B 277 31.63 8.64 23.55
C LEU B 277 30.32 8.15 24.16
N ASP B 278 30.24 6.88 24.56
CA ASP B 278 29.16 6.40 25.42
C ASP B 278 29.62 6.57 26.86
N VAL B 279 29.05 7.56 27.55
CA VAL B 279 29.54 7.96 28.86
C VAL B 279 28.79 7.24 29.96
N THR B 280 27.99 6.23 29.59
CA THR B 280 27.24 5.49 30.59
C THR B 280 28.14 4.98 31.71
N SER B 281 29.29 4.38 31.35
CA SER B 281 30.18 3.85 32.38
C SER B 281 30.65 4.94 33.34
N THR B 282 30.91 6.14 32.81
CA THR B 282 31.38 7.23 33.67
C THR B 282 30.26 7.72 34.58
N MET B 283 29.03 7.81 34.06
CA MET B 283 27.89 8.16 34.90
C MET B 283 27.79 7.21 36.08
N LEU B 284 27.87 5.91 35.82
CA LEU B 284 27.82 4.93 36.91
C LEU B 284 28.98 5.11 37.88
N GLN B 285 30.19 5.25 37.35
CA GLN B 285 31.36 5.38 38.24
C GLN B 285 31.22 6.60 39.13
N GLN B 286 30.66 7.69 38.59
CA GLN B 286 30.52 8.94 39.33
C GLN B 286 29.33 8.93 40.28
N GLY B 287 28.47 7.91 40.18
CA GLY B 287 27.36 7.81 41.10
C GLY B 287 26.13 8.61 40.71
N TRP B 288 25.96 8.86 39.42
CA TRP B 288 24.75 9.54 38.96
C TRP B 288 23.51 8.73 39.32
N GLN B 289 22.44 9.44 39.66
CA GLN B 289 21.13 8.89 39.90
C GLN B 289 20.14 9.62 39.01
N ALA B 290 18.90 9.13 38.99
CA ALA B 290 17.88 9.76 38.16
C ALA B 290 17.75 11.25 38.46
N THR B 291 17.66 11.61 39.73
N THR B 291 17.68 11.61 39.73
CA THR B 291 17.47 13.01 40.10
CA THR B 291 17.46 13.01 40.09
C THR B 291 18.57 13.89 39.50
C THR B 291 18.57 13.90 39.52
N HIS B 292 19.83 13.42 39.56
CA HIS B 292 20.92 14.20 38.97
C HIS B 292 20.69 14.42 37.49
N MET B 293 20.19 13.40 36.78
CA MET B 293 19.94 13.54 35.36
C MET B 293 18.91 14.63 35.08
N PHE B 294 17.85 14.67 35.87
CA PHE B 294 16.83 15.69 35.67
C PHE B 294 17.34 17.09 36.05
N ARG B 295 18.13 17.18 37.12
CA ARG B 295 18.70 18.49 37.49
C ARG B 295 19.65 19.00 36.43
N VAL B 296 20.42 18.10 35.82
CA VAL B 296 21.37 18.54 34.79
C VAL B 296 20.62 19.00 33.56
N ALA B 297 19.54 18.31 33.20
CA ALA B 297 18.69 18.79 32.11
C ALA B 297 18.09 20.14 32.47
N GLU B 298 17.56 20.25 33.68
CA GLU B 298 16.96 21.52 34.11
C GLU B 298 17.93 22.67 33.95
N GLU B 299 19.18 22.46 34.32
CA GLU B 299 20.14 23.56 34.31
C GLU B 299 20.46 24.00 32.89
N PHE B 300 20.43 23.08 31.91
CA PHE B 300 20.56 23.51 30.52
C PHE B 300 19.43 24.47 30.15
N PHE B 301 18.19 24.09 30.50
CA PHE B 301 17.05 24.95 30.20
C PHE B 301 17.21 26.34 30.84
N THR B 302 17.60 26.38 32.13
CA THR B 302 17.74 27.67 32.77
C THR B 302 18.92 28.45 32.23
N SER B 303 19.94 27.76 31.71
CA SER B 303 21.07 28.46 31.11
C SER B 303 20.64 29.28 29.89
N LEU B 304 19.59 28.85 29.20
CA LEU B 304 18.98 29.57 28.10
C LEU B 304 17.98 30.62 28.58
N GLU B 305 17.89 30.83 29.89
CA GLU B 305 16.88 31.72 30.49
C GLU B 305 15.46 31.23 30.17
N LEU B 306 15.28 29.92 30.09
CA LEU B 306 13.96 29.32 30.18
C LEU B 306 13.66 29.02 31.66
N SER B 307 12.54 28.37 31.93
N SER B 307 12.53 28.37 31.92
CA SER B 307 12.05 28.27 33.30
CA SER B 307 12.04 28.25 33.29
C SER B 307 12.62 27.03 34.00
C SER B 307 12.62 27.03 34.00
N PRO B 308 12.90 27.14 35.29
CA PRO B 308 13.20 25.95 36.09
C PRO B 308 11.92 25.15 36.34
N MET B 309 12.11 23.90 36.76
CA MET B 309 10.98 23.08 37.16
C MET B 309 10.40 23.59 38.47
N PRO B 310 9.08 23.75 38.58
CA PRO B 310 8.49 24.27 39.82
C PRO B 310 8.56 23.24 40.93
N PRO B 311 8.42 23.66 42.18
CA PRO B 311 8.40 22.69 43.28
C PRO B 311 7.42 21.56 43.09
N GLU B 312 6.24 21.87 42.53
CA GLU B 312 5.24 20.82 42.28
C GLU B 312 5.78 19.70 41.41
N PHE B 313 6.69 20.01 40.48
CA PHE B 313 7.28 18.98 39.64
C PHE B 313 8.16 18.03 40.45
N TRP B 314 9.01 18.59 41.34
CA TRP B 314 9.89 17.70 42.09
C TRP B 314 9.13 16.91 43.14
N GLU B 315 8.10 17.51 43.76
CA GLU B 315 7.38 16.79 44.79
C GLU B 315 6.47 15.71 44.22
N GLY B 316 6.05 15.87 42.97
CA GLY B 316 4.98 15.04 42.45
C GLY B 316 5.41 14.01 41.42
N SER B 317 6.57 14.21 40.83
CA SER B 317 6.96 13.34 39.73
C SER B 317 7.38 11.96 40.22
N MET B 318 7.28 10.99 39.31
CA MET B 318 7.80 9.63 39.50
C MET B 318 8.98 9.49 38.56
N LEU B 319 10.18 9.66 39.10
CA LEU B 319 11.41 9.69 38.30
C LEU B 319 12.18 8.37 38.36
N GLU B 320 11.77 7.43 39.21
CA GLU B 320 12.36 6.10 39.27
C GLU B 320 11.23 5.08 39.37
N LYS B 321 11.51 3.85 38.93
CA LYS B 321 10.53 2.78 39.12
C LYS B 321 10.37 2.51 40.61
N PRO B 322 9.16 2.50 41.15
CA PRO B 322 8.99 2.24 42.58
C PRO B 322 9.43 0.84 42.95
N ALA B 323 9.96 0.71 44.15
CA ALA B 323 10.40 -0.58 44.68
C ALA B 323 9.41 -1.18 45.67
N ASP B 324 8.20 -0.62 45.78
CA ASP B 324 7.23 -1.05 46.77
C ASP B 324 6.29 -2.12 46.26
N GLY B 325 6.52 -2.64 45.06
CA GLY B 325 5.67 -3.66 44.49
C GLY B 325 4.55 -3.14 43.60
N ARG B 326 4.35 -1.83 43.53
CA ARG B 326 3.38 -1.28 42.61
C ARG B 326 3.72 -1.67 41.18
N GLU B 327 2.68 -1.87 40.37
CA GLU B 327 2.82 -1.90 38.94
C GLU B 327 2.61 -0.48 38.42
N VAL B 328 3.45 -0.09 37.46
CA VAL B 328 3.38 1.26 36.90
C VAL B 328 3.53 1.17 35.40
N VAL B 329 3.09 2.24 34.73
CA VAL B 329 3.43 2.47 33.33
C VAL B 329 4.84 3.06 33.33
N CYS B 330 5.83 2.26 32.90
CA CYS B 330 7.21 2.74 32.94
C CYS B 330 7.56 3.63 31.76
N HIS B 331 6.87 3.48 30.64
CA HIS B 331 7.14 4.32 29.47
C HIS B 331 7.13 5.78 29.85
N ALA B 332 8.19 6.48 29.45
CA ALA B 332 8.38 7.88 29.86
C ALA B 332 7.29 8.77 29.28
N SER B 333 6.77 9.67 30.11
CA SER B 333 5.76 10.62 29.68
C SER B 333 5.78 11.84 30.56
N ALA B 334 5.32 12.96 30.02
CA ALA B 334 5.30 14.24 30.73
C ALA B 334 3.87 14.81 30.73
N TRP B 335 3.44 15.27 31.91
CA TRP B 335 2.04 15.48 32.24
C TRP B 335 1.74 16.95 32.53
N ASP B 336 0.71 17.47 31.85
CA ASP B 336 0.14 18.80 32.11
C ASP B 336 -1.22 18.56 32.75
N PHE B 337 -1.39 19.09 33.96
CA PHE B 337 -2.65 18.89 34.69
C PHE B 337 -3.68 19.97 34.38
N TYR B 338 -3.36 20.93 33.53
CA TYR B 338 -4.31 21.96 33.09
C TYR B 338 -4.85 22.79 34.24
N ASN B 339 -4.07 22.92 35.33
CA ASN B 339 -4.40 23.86 36.39
C ASN B 339 -3.34 24.94 36.54
N ARG B 340 -2.36 24.99 35.63
CA ARG B 340 -1.30 25.99 35.59
C ARG B 340 -0.32 25.87 36.75
N LYS B 341 -0.38 24.78 37.51
CA LYS B 341 0.44 24.58 38.70
C LYS B 341 1.16 23.24 38.71
N ASP B 342 0.48 22.16 38.35
CA ASP B 342 1.04 20.82 38.47
C ASP B 342 1.52 20.34 37.11
N PHE B 343 2.80 19.98 37.05
CA PHE B 343 3.44 19.44 35.87
C PHE B 343 4.36 18.34 36.38
N ARG B 344 4.35 17.18 35.73
CA ARG B 344 5.09 16.05 36.26
C ARG B 344 5.62 15.17 35.14
N ILE B 345 6.72 14.48 35.45
CA ILE B 345 7.24 13.42 34.58
C ILE B 345 7.05 12.09 35.30
N LYS B 346 6.70 11.06 34.54
CA LYS B 346 6.57 9.69 35.01
C LYS B 346 7.50 8.85 34.13
N GLN B 347 8.65 8.45 34.68
CA GLN B 347 9.67 7.72 33.93
C GLN B 347 10.39 6.78 34.87
N CYS B 348 10.53 5.51 34.46
CA CYS B 348 11.33 4.54 35.20
C CYS B 348 12.79 4.73 34.77
N THR B 349 13.38 5.82 35.25
CA THR B 349 14.65 6.26 34.71
C THR B 349 15.76 5.30 35.08
N ARG B 350 16.63 5.02 34.11
CA ARG B 350 17.85 4.25 34.32
C ARG B 350 19.06 5.15 34.04
N VAL B 351 20.17 4.84 34.72
CA VAL B 351 21.37 5.66 34.64
C VAL B 351 22.17 5.17 33.44
N THR B 352 21.84 5.73 32.27
CA THR B 352 22.53 5.48 31.02
C THR B 352 22.53 6.75 30.20
N MET B 353 23.45 6.81 29.23
CA MET B 353 23.51 7.98 28.35
C MET B 353 22.23 8.11 27.50
N ASP B 354 21.73 7.01 26.96
CA ASP B 354 20.53 7.17 26.13
C ASP B 354 19.35 7.63 26.98
N GLN B 355 19.28 7.21 28.24
CA GLN B 355 18.24 7.72 29.14
C GLN B 355 18.42 9.21 29.44
N LEU B 356 19.65 9.71 29.40
CA LEU B 356 19.85 11.16 29.57
C LEU B 356 19.18 11.91 28.42
N SER B 357 19.23 11.36 27.22
CA SER B 357 18.49 11.96 26.11
C SER B 357 16.99 11.92 26.35
N THR B 358 16.47 10.79 26.82
CA THR B 358 15.04 10.71 27.15
C THR B 358 14.66 11.70 28.24
N VAL B 359 15.52 11.90 29.24
CA VAL B 359 15.22 12.89 30.28
C VAL B 359 15.06 14.27 29.64
N HIS B 360 15.96 14.63 28.74
CA HIS B 360 15.85 15.92 28.07
C HIS B 360 14.59 15.99 27.23
N HIS B 361 14.29 14.93 26.49
CA HIS B 361 13.04 14.87 25.74
C HIS B 361 11.84 15.17 26.63
N GLU B 362 11.74 14.48 27.78
CA GLU B 362 10.61 14.70 28.67
C GLU B 362 10.60 16.12 29.24
N MET B 363 11.77 16.64 29.59
CA MET B 363 11.81 17.98 30.15
C MET B 363 11.45 19.03 29.12
N GLY B 364 11.68 18.74 27.83
CA GLY B 364 11.22 19.66 26.79
C GLY B 364 9.71 19.75 26.75
N HIS B 365 9.02 18.63 26.97
CA HIS B 365 7.56 18.66 27.11
C HIS B 365 7.15 19.58 28.23
N ILE B 366 7.72 19.36 29.42
CA ILE B 366 7.38 20.16 30.59
C ILE B 366 7.63 21.63 30.31
N GLN B 367 8.77 21.96 29.71
CA GLN B 367 9.05 23.36 29.42
C GLN B 367 7.99 23.99 28.52
N TYR B 368 7.56 23.25 27.48
CA TYR B 368 6.44 23.72 26.68
C TYR B 368 5.24 24.04 27.56
N TYR B 369 4.87 23.09 28.44
CA TYR B 369 3.70 23.30 29.30
C TYR B 369 3.88 24.55 30.15
N LEU B 370 5.07 24.75 30.70
CA LEU B 370 5.31 25.93 31.55
C LEU B 370 5.15 27.22 30.76
N GLN B 371 5.56 27.21 29.50
CA GLN B 371 5.64 28.44 28.73
C GLN B 371 4.31 28.87 28.15
N TYR B 372 3.37 27.94 27.93
CA TYR B 372 2.05 28.33 27.40
C TYR B 372 0.91 28.13 28.40
N LYS B 373 1.22 28.00 29.69
CA LYS B 373 0.20 27.69 30.68
C LYS B 373 -0.84 28.80 30.86
N ASP B 374 -0.56 30.00 30.35
CA ASP B 374 -1.53 31.09 30.47
C ASP B 374 -2.40 31.26 29.22
N LEU B 375 -2.14 30.52 28.16
CA LEU B 375 -3.00 30.54 26.99
C LEU B 375 -4.34 29.88 27.30
N PRO B 376 -5.37 30.18 26.49
CA PRO B 376 -6.62 29.41 26.60
C PRO B 376 -6.35 27.92 26.44
N VAL B 377 -7.13 27.12 27.17
CA VAL B 377 -6.84 25.69 27.27
C VAL B 377 -6.66 25.06 25.89
N SER B 378 -7.52 25.41 24.93
CA SER B 378 -7.48 24.73 23.64
C SER B 378 -6.17 24.97 22.90
N LEU B 379 -5.46 26.05 23.22
CA LEU B 379 -4.23 26.37 22.54
C LEU B 379 -2.99 25.88 23.30
N ARG B 380 -3.21 25.19 24.43
CA ARG B 380 -2.11 24.64 25.23
C ARG B 380 -1.65 23.34 24.57
N ARG B 381 -0.99 23.50 23.44
CA ARG B 381 -0.40 22.37 22.73
C ARG B 381 0.66 22.92 21.80
N GLY B 382 1.45 22.01 21.22
CA GLY B 382 2.45 22.42 20.27
C GLY B 382 1.84 23.06 19.03
N ALA B 383 2.62 23.90 18.36
CA ALA B 383 2.18 24.46 17.08
C ALA B 383 1.65 23.36 16.18
N ASN B 384 2.35 22.21 16.14
CA ASN B 384 1.79 20.92 15.77
C ASN B 384 2.46 19.88 16.67
N PRO B 385 1.94 18.66 16.73
CA PRO B 385 2.50 17.66 17.68
C PRO B 385 3.98 17.38 17.50
N GLY B 386 4.51 17.52 16.28
CA GLY B 386 5.95 17.35 16.07
C GLY B 386 6.79 18.38 16.81
N PHE B 387 6.29 19.61 16.93
CA PHE B 387 6.98 20.63 17.70
C PHE B 387 7.22 20.16 19.13
N HIS B 388 6.17 19.63 19.76
CA HIS B 388 6.24 19.20 21.15
C HIS B 388 7.30 18.12 21.33
N GLU B 389 7.38 17.19 20.39
CA GLU B 389 8.36 16.11 20.50
C GLU B 389 9.79 16.59 20.23
N ALA B 390 9.96 17.76 19.63
CA ALA B 390 11.29 18.18 19.21
C ALA B 390 12.03 19.00 20.28
N ILE B 391 11.32 19.61 21.21
CA ILE B 391 11.93 20.66 22.05
C ILE B 391 13.14 20.11 22.83
N GLY B 392 12.91 19.04 23.60
CA GLY B 392 13.98 18.49 24.41
C GLY B 392 15.09 17.89 23.56
N ASP B 393 14.73 17.26 22.43
CA ASP B 393 15.72 16.70 21.54
C ASP B 393 16.70 17.75 21.03
N VAL B 394 16.22 18.98 20.78
CA VAL B 394 17.12 20.01 20.29
C VAL B 394 18.21 20.30 21.32
N LEU B 395 17.82 20.45 22.59
CA LEU B 395 18.82 20.65 23.64
C LEU B 395 19.73 19.45 23.76
N ALA B 396 19.19 18.24 23.57
CA ALA B 396 20.02 17.05 23.71
C ALA B 396 21.07 16.98 22.61
N LEU B 397 20.83 17.63 21.46
CA LEU B 397 21.85 17.67 20.42
C LEU B 397 23.09 18.42 20.90
N SER B 398 22.88 19.52 21.63
CA SER B 398 24.01 20.27 22.19
C SER B 398 24.70 19.50 23.31
N VAL B 399 23.92 18.88 24.20
CA VAL B 399 24.47 18.15 25.33
C VAL B 399 25.38 17.01 24.86
N SER B 400 25.00 16.33 23.77
N SER B 400 25.00 16.33 23.77
CA SER B 400 25.73 15.13 23.37
CA SER B 400 25.71 15.13 23.33
C SER B 400 27.08 15.43 22.73
C SER B 400 27.09 15.44 22.74
N THR B 401 27.33 16.67 22.33
CA THR B 401 28.61 17.00 21.71
C THR B 401 29.77 16.68 22.65
N PRO B 402 30.88 16.15 22.15
CA PRO B 402 32.01 15.85 23.05
C PRO B 402 32.45 17.04 23.88
N GLU B 403 32.49 18.25 23.30
CA GLU B 403 32.86 19.43 24.08
C GLU B 403 31.92 19.63 25.26
N HIS B 404 30.60 19.45 25.05
CA HIS B 404 29.70 19.67 26.17
C HIS B 404 29.84 18.58 27.22
N LEU B 405 29.97 17.32 26.80
CA LEU B 405 30.17 16.25 27.75
C LEU B 405 31.41 16.50 28.62
N HIS B 406 32.46 17.03 28.00
CA HIS B 406 33.65 17.40 28.75
C HIS B 406 33.34 18.49 29.76
N LYS B 407 32.56 19.48 29.36
CA LYS B 407 32.24 20.59 30.24
C LYS B 407 31.45 20.15 31.46
N ILE B 408 30.63 19.10 31.34
CA ILE B 408 29.85 18.60 32.46
C ILE B 408 30.52 17.38 33.12
N GLY B 409 31.81 17.17 32.84
CA GLY B 409 32.58 16.18 33.58
C GLY B 409 32.38 14.73 33.19
N LEU B 410 31.81 14.45 32.02
CA LEU B 410 31.56 13.08 31.59
C LEU B 410 32.54 12.60 30.53
N LEU B 411 33.52 13.41 30.13
CA LEU B 411 34.48 13.01 29.11
C LEU B 411 35.77 13.78 29.31
N ASP B 412 36.89 13.09 29.35
CA ASP B 412 38.18 13.78 29.23
C ASP B 412 38.26 14.39 27.84
N ARG B 413 38.77 15.62 27.75
CA ARG B 413 38.68 16.35 26.49
C ARG B 413 39.21 15.50 25.35
N VAL B 414 38.46 15.49 24.24
CA VAL B 414 38.83 14.72 23.06
C VAL B 414 39.59 15.65 22.12
N THR B 415 40.37 15.08 21.22
CA THR B 415 41.06 15.89 20.24
C THR B 415 40.12 16.15 19.05
N ASN B 416 40.13 17.40 18.58
CA ASN B 416 39.25 17.83 17.50
C ASN B 416 39.86 17.41 16.16
N ASP B 417 39.81 16.10 15.91
CA ASP B 417 40.34 15.52 14.69
C ASP B 417 39.25 14.73 13.98
N THR B 418 39.57 14.26 12.77
CA THR B 418 38.54 13.66 11.93
C THR B 418 38.01 12.37 12.52
N GLU B 419 38.90 11.49 12.99
N GLU B 419 38.90 11.50 13.01
CA GLU B 419 38.44 10.22 13.55
CA GLU B 419 38.46 10.22 13.55
C GLU B 419 37.44 10.44 14.68
C GLU B 419 37.47 10.42 14.69
N SER B 420 37.75 11.37 15.59
CA SER B 420 36.82 11.68 16.66
C SER B 420 35.51 12.21 16.12
N ASP B 421 35.56 13.02 15.06
CA ASP B 421 34.36 13.58 14.47
C ASP B 421 33.51 12.49 13.81
N ILE B 422 34.14 11.58 13.07
CA ILE B 422 33.41 10.47 12.45
C ILE B 422 32.77 9.60 13.53
N ASN B 423 33.52 9.28 14.59
CA ASN B 423 32.96 8.51 15.70
C ASN B 423 31.68 9.16 16.23
N TYR B 424 31.75 10.46 16.52
CA TYR B 424 30.58 11.13 17.09
C TYR B 424 29.39 11.09 16.15
N LEU B 425 29.59 11.48 14.89
CA LEU B 425 28.47 11.51 13.96
C LEU B 425 27.87 10.13 13.71
N LEU B 426 28.70 9.09 13.76
CA LEU B 426 28.18 7.74 13.61
C LEU B 426 27.30 7.39 14.80
N LYS B 427 27.76 7.69 16.01
CA LYS B 427 26.94 7.45 17.20
C LYS B 427 25.62 8.20 17.08
N MET B 428 25.67 9.45 16.60
CA MET B 428 24.44 10.22 16.47
C MET B 428 23.55 9.64 15.38
N ALA B 429 24.16 9.12 14.31
CA ALA B 429 23.38 8.47 13.25
C ALA B 429 22.62 7.25 13.80
N LEU B 430 23.28 6.47 14.66
CA LEU B 430 22.61 5.32 15.26
C LEU B 430 21.37 5.74 16.04
N GLU B 431 21.39 6.95 16.62
CA GLU B 431 20.25 7.44 17.38
C GLU B 431 19.19 8.10 16.50
N LYS B 432 19.61 8.85 15.48
CA LYS B 432 18.71 9.74 14.76
C LYS B 432 18.36 9.19 13.40
N ILE B 433 19.34 8.75 12.61
CA ILE B 433 19.05 8.26 11.26
C ILE B 433 18.34 6.92 11.34
N ALA B 434 18.78 6.03 12.24
CA ALA B 434 18.15 4.71 12.32
C ALA B 434 16.67 4.80 12.63
N PHE B 435 16.26 5.86 13.35
CA PHE B 435 14.88 5.99 13.80
C PHE B 435 13.95 6.39 12.68
N LEU B 436 14.47 7.08 11.66
CA LEU B 436 13.61 7.70 10.66
C LEU B 436 12.61 6.73 10.01
N PRO B 437 13.01 5.57 9.49
CA PRO B 437 12.00 4.67 8.90
C PRO B 437 10.97 4.23 9.90
N PHE B 438 11.36 4.00 11.16
CA PHE B 438 10.40 3.55 12.16
C PHE B 438 9.41 4.66 12.50
N GLY B 439 9.93 5.83 12.77
CA GLY B 439 9.06 6.97 13.01
C GLY B 439 8.05 7.17 11.90
N TYR B 440 8.46 6.92 10.65
CA TYR B 440 7.59 7.08 9.49
C TYR B 440 6.58 5.94 9.34
N LEU B 441 6.96 4.68 9.64
CA LEU B 441 6.08 3.59 9.23
C LEU B 441 4.94 3.31 10.22
N VAL B 442 5.11 3.65 11.51
CA VAL B 442 4.14 3.19 12.51
C VAL B 442 2.75 3.70 12.21
N ASP B 443 2.62 5.01 11.88
CA ASP B 443 1.29 5.50 11.58
C ASP B 443 0.85 5.17 10.16
N GLN B 444 1.76 4.85 9.23
CA GLN B 444 1.29 4.26 7.98
C GLN B 444 0.53 2.97 8.26
N TRP B 445 1.05 2.16 9.19
CA TRP B 445 0.31 0.98 9.62
C TRP B 445 -1.04 1.36 10.21
N ARG B 446 -1.05 2.30 11.16
CA ARG B 446 -2.31 2.63 11.83
C ARG B 446 -3.28 3.32 10.90
N TRP B 447 -2.80 4.16 9.98
CA TRP B 447 -3.72 4.78 9.04
C TRP B 447 -4.41 3.71 8.20
N GLY B 448 -3.68 2.66 7.83
CA GLY B 448 -4.31 1.58 7.07
C GLY B 448 -5.32 0.81 7.89
N VAL B 449 -5.05 0.62 9.19
CA VAL B 449 -6.02 -0.02 10.05
C VAL B 449 -7.26 0.85 10.21
N PHE B 450 -7.07 2.14 10.52
CA PHE B 450 -8.24 3.01 10.67
C PHE B 450 -9.05 3.10 9.37
N SER B 451 -8.39 3.08 8.21
CA SER B 451 -9.15 3.24 6.96
C SER B 451 -9.87 1.96 6.54
N GLY B 452 -9.54 0.83 7.13
CA GLY B 452 -10.09 -0.43 6.68
C GLY B 452 -9.25 -1.15 5.64
N ARG B 453 -8.18 -0.52 5.15
CA ARG B 453 -7.32 -1.21 4.19
C ARG B 453 -6.62 -2.39 4.83
N THR B 454 -6.36 -2.34 6.13
CA THR B 454 -5.72 -3.40 6.90
C THR B 454 -6.75 -3.92 7.90
N PRO B 455 -7.50 -4.97 7.57
CA PRO B 455 -8.43 -5.53 8.53
C PRO B 455 -7.66 -6.36 9.55
N PRO B 456 -8.31 -6.81 10.61
CA PRO B 456 -7.59 -7.65 11.60
C PRO B 456 -6.89 -8.86 10.99
N SER B 457 -7.44 -9.43 9.93
CA SER B 457 -6.81 -10.59 9.29
C SER B 457 -5.47 -10.26 8.62
N ARG B 458 -5.08 -8.97 8.55
CA ARG B 458 -3.78 -8.62 8.00
C ARG B 458 -2.99 -7.69 8.90
N TYR B 459 -3.36 -7.58 10.18
CA TYR B 459 -2.60 -6.71 11.10
C TYR B 459 -1.10 -7.02 11.03
N ASN B 460 -0.72 -8.29 11.16
CA ASN B 460 0.71 -8.59 11.27
C ASN B 460 1.39 -8.61 9.91
N PHE B 461 0.70 -9.17 8.91
CA PHE B 461 1.15 -9.13 7.52
C PHE B 461 1.53 -7.72 7.09
N ASP B 462 0.67 -6.73 7.38
CA ASP B 462 0.91 -5.39 6.89
C ASP B 462 1.95 -4.67 7.78
N TRP B 463 1.99 -5.02 9.05
CA TRP B 463 3.05 -4.50 9.93
C TRP B 463 4.42 -4.90 9.42
N TRP B 464 4.62 -6.21 9.18
CA TRP B 464 5.94 -6.69 8.77
C TRP B 464 6.24 -6.29 7.32
N TYR B 465 5.22 -6.13 6.48
CA TYR B 465 5.46 -5.51 5.18
C TYR B 465 6.16 -4.16 5.37
N LEU B 466 5.60 -3.33 6.24
CA LEU B 466 6.14 -1.99 6.43
C LEU B 466 7.49 -2.03 7.13
N ARG B 467 7.62 -2.89 8.14
CA ARG B 467 8.91 -3.00 8.83
C ARG B 467 10.02 -3.38 7.86
N THR B 468 9.76 -4.37 6.99
CA THR B 468 10.77 -4.71 5.99
C THR B 468 10.92 -3.60 4.94
N LYS B 469 9.81 -3.05 4.46
CA LYS B 469 9.89 -2.03 3.41
C LYS B 469 10.78 -0.85 3.85
N TYR B 470 10.55 -0.35 5.05
CA TYR B 470 11.23 0.84 5.53
C TYR B 470 12.51 0.55 6.31
N GLN B 471 12.43 -0.30 7.34
CA GLN B 471 13.58 -0.53 8.19
C GLN B 471 14.52 -1.60 7.64
N GLY B 472 14.05 -2.43 6.71
CA GLY B 472 14.93 -3.48 6.25
C GLY B 472 15.29 -4.45 7.35
N ILE B 473 14.32 -4.80 8.20
CA ILE B 473 14.52 -5.83 9.22
C ILE B 473 13.50 -6.94 8.95
N CYS B 474 13.75 -8.09 9.58
CA CYS B 474 12.83 -9.24 9.46
C CYS B 474 12.66 -9.86 10.83
N PRO B 475 11.52 -10.51 11.09
CA PRO B 475 11.34 -11.15 12.39
C PRO B 475 12.27 -12.35 12.49
N PRO B 476 12.89 -12.56 13.64
CA PRO B 476 13.85 -13.68 13.77
C PRO B 476 13.20 -15.02 14.01
N VAL B 477 11.88 -15.07 14.23
CA VAL B 477 11.11 -16.30 14.25
C VAL B 477 9.88 -16.06 13.38
N THR B 478 9.31 -17.14 12.89
CA THR B 478 8.13 -17.01 12.03
C THR B 478 6.99 -16.38 12.81
N ARG B 479 6.28 -15.47 12.16
CA ARG B 479 5.11 -14.84 12.74
C ARG B 479 3.89 -15.17 11.89
N ASN B 480 2.72 -15.11 12.50
CA ASN B 480 1.44 -15.26 11.82
C ASN B 480 0.42 -14.31 12.46
N GLU B 481 -0.84 -14.42 12.04
CA GLU B 481 -1.85 -13.45 12.44
C GLU B 481 -2.41 -13.73 13.83
N THR B 482 -1.95 -14.78 14.50
CA THR B 482 -2.17 -14.87 15.94
C THR B 482 -1.33 -13.84 16.66
N HIS B 483 -0.15 -13.55 16.13
CA HIS B 483 0.72 -12.52 16.66
C HIS B 483 0.23 -11.14 16.27
N PHE B 484 0.46 -10.17 17.16
CA PHE B 484 0.07 -8.78 16.96
C PHE B 484 1.26 -7.94 17.39
N ASP B 485 2.28 -7.91 16.55
CA ASP B 485 3.56 -7.34 16.95
C ASP B 485 3.50 -5.81 17.00
N ALA B 486 2.61 -5.18 16.24
CA ALA B 486 2.39 -3.74 16.42
C ALA B 486 1.99 -3.43 17.85
N GLY B 487 1.20 -4.32 18.47
CA GLY B 487 0.73 -4.08 19.82
C GLY B 487 1.81 -4.16 20.88
N ALA B 488 3.00 -4.66 20.54
CA ALA B 488 4.12 -4.76 21.45
C ALA B 488 4.92 -3.47 21.52
N LYS B 489 4.46 -2.41 20.85
CA LYS B 489 5.04 -1.07 20.91
C LYS B 489 4.08 -0.17 21.67
N PHE B 490 4.59 0.51 22.71
CA PHE B 490 3.75 1.26 23.64
C PHE B 490 2.63 2.06 23.00
N HIS B 491 2.93 2.80 21.94
CA HIS B 491 2.01 3.81 21.42
C HIS B 491 0.76 3.18 20.80
N VAL B 492 0.81 1.91 20.43
CA VAL B 492 -0.33 1.28 19.75
C VAL B 492 -1.42 1.00 20.77
N PRO B 493 -1.20 0.13 21.79
CA PRO B 493 -2.25 -0.03 22.80
C PRO B 493 -2.56 1.23 23.60
N ASN B 494 -1.59 2.14 23.74
CA ASN B 494 -1.85 3.40 24.44
C ASN B 494 -2.33 4.51 23.51
N VAL B 495 -2.71 4.15 22.28
CA VAL B 495 -3.34 5.05 21.32
C VAL B 495 -2.72 6.46 21.33
N THR B 496 -1.41 6.52 21.14
CA THR B 496 -0.66 7.76 20.97
C THR B 496 -0.13 7.82 19.56
N PRO B 497 -0.51 8.83 18.78
CA PRO B 497 -0.02 8.94 17.40
C PRO B 497 1.50 8.99 17.35
N TYR B 498 2.05 8.61 16.18
CA TYR B 498 3.47 8.43 16.02
C TYR B 498 4.11 9.28 14.93
N ILE B 499 3.33 9.78 13.96
CA ILE B 499 3.98 10.52 12.88
C ILE B 499 4.71 11.75 13.44
N ARG B 500 4.22 12.29 14.57
CA ARG B 500 4.90 13.38 15.28
C ARG B 500 6.37 13.11 15.54
N TYR B 501 6.77 11.84 15.75
CA TYR B 501 8.18 11.62 16.03
C TYR B 501 9.01 11.69 14.76
N PHE B 502 8.49 11.22 13.64
CA PHE B 502 9.16 11.46 12.35
C PHE B 502 9.27 12.97 12.09
N VAL B 503 8.17 13.69 12.26
CA VAL B 503 8.22 15.14 12.05
C VAL B 503 9.28 15.76 12.94
N SER B 504 9.32 15.35 14.22
N SER B 504 9.36 15.33 14.20
CA SER B 504 10.28 15.91 15.16
CA SER B 504 10.27 15.96 15.13
C SER B 504 11.71 15.67 14.73
C SER B 504 11.73 15.62 14.85
N PHE B 505 12.01 14.44 14.27
CA PHE B 505 13.41 14.12 13.98
C PHE B 505 13.93 14.94 12.80
N VAL B 506 13.04 15.39 11.91
CA VAL B 506 13.43 16.36 10.88
C VAL B 506 13.50 17.77 11.47
N LEU B 507 12.45 18.14 12.21
CA LEU B 507 12.33 19.50 12.73
C LEU B 507 13.47 19.86 13.66
N GLN B 508 13.91 18.90 14.49
CA GLN B 508 14.87 19.26 15.53
C GLN B 508 16.18 19.76 14.95
N PHE B 509 16.54 19.29 13.75
CA PHE B 509 17.72 19.81 13.08
C PHE B 509 17.45 21.18 12.45
N GLN B 510 16.21 21.43 12.00
CA GLN B 510 15.89 22.79 11.57
C GLN B 510 15.97 23.76 12.74
N PHE B 511 15.45 23.35 13.90
CA PHE B 511 15.55 24.19 15.09
C PHE B 511 17.02 24.36 15.49
N HIS B 512 17.79 23.28 15.44
CA HIS B 512 19.19 23.33 15.86
C HIS B 512 19.98 24.34 15.02
N GLU B 513 19.84 24.26 13.70
CA GLU B 513 20.57 25.20 12.84
C GLU B 513 20.14 26.64 13.12
N ALA B 514 18.85 26.87 13.32
CA ALA B 514 18.38 28.22 13.60
C ALA B 514 18.97 28.73 14.91
N LEU B 515 18.88 27.92 15.96
CA LEU B 515 19.36 28.38 17.27
C LEU B 515 20.87 28.56 17.26
N CYS B 516 21.61 27.64 16.64
CA CYS B 516 23.05 27.81 16.54
C CYS B 516 23.42 29.11 15.83
N LYS B 517 22.72 29.43 14.75
CA LYS B 517 22.96 30.71 14.07
C LYS B 517 22.61 31.89 14.98
N GLU B 518 21.49 31.78 15.69
CA GLU B 518 21.11 32.85 16.62
C GLU B 518 22.12 33.02 17.75
N ALA B 519 22.79 31.93 18.13
CA ALA B 519 23.80 31.99 19.19
C ALA B 519 25.12 32.55 18.71
N GLY B 520 25.28 32.79 17.41
CA GLY B 520 26.54 33.28 16.89
C GLY B 520 27.56 32.20 16.62
N TYR B 521 27.17 30.93 16.70
CA TYR B 521 28.10 29.85 16.43
C TYR B 521 28.39 29.77 14.94
N GLU B 522 29.67 29.66 14.58
CA GLU B 522 30.08 29.64 13.19
C GLU B 522 30.92 28.42 12.84
N GLY B 523 30.99 27.42 13.71
CA GLY B 523 31.67 26.18 13.40
C GLY B 523 30.75 25.19 12.71
N PRO B 524 31.20 23.95 12.56
CA PRO B 524 30.35 22.93 11.95
C PRO B 524 29.06 22.75 12.74
N LEU B 525 27.96 22.53 12.02
CA LEU B 525 26.65 22.43 12.68
C LEU B 525 26.65 21.35 13.75
N HIS B 526 27.31 20.23 13.50
CA HIS B 526 27.26 19.13 14.45
C HIS B 526 28.15 19.33 15.67
N GLN B 527 28.89 20.43 15.75
CA GLN B 527 29.68 20.75 16.94
C GLN B 527 29.10 21.93 17.70
N CYS B 528 27.96 22.44 17.27
CA CYS B 528 27.32 23.54 17.97
C CYS B 528 26.84 23.10 19.35
N ASP B 529 26.99 24.00 20.32
CA ASP B 529 26.44 23.83 21.67
C ASP B 529 25.82 25.17 22.07
N ILE B 530 24.49 25.21 22.18
CA ILE B 530 23.81 26.49 22.45
C ILE B 530 23.75 26.75 23.96
N TYR B 531 24.38 25.89 24.75
CA TYR B 531 24.45 26.07 26.20
C TYR B 531 24.75 27.55 26.54
N ARG B 532 23.99 28.07 27.50
CA ARG B 532 24.11 29.43 28.03
C ARG B 532 23.88 30.51 26.99
N SER B 533 23.32 30.20 25.82
CA SER B 533 23.01 31.25 24.84
C SER B 533 21.62 31.81 25.13
N THR B 534 21.55 32.98 25.76
CA THR B 534 20.26 33.58 26.05
C THR B 534 19.57 34.07 24.79
N LYS B 535 20.34 34.39 23.74
CA LYS B 535 19.72 34.74 22.46
C LYS B 535 19.00 33.55 21.86
N ALA B 536 19.61 32.36 21.91
CA ALA B 536 18.91 31.17 21.44
C ALA B 536 17.68 30.87 22.30
N GLY B 537 17.79 31.02 23.61
CA GLY B 537 16.65 30.80 24.48
C GLY B 537 15.49 31.72 24.14
N ALA B 538 15.78 32.95 23.75
CA ALA B 538 14.71 33.90 23.41
C ALA B 538 13.96 33.43 22.18
N LYS B 539 14.69 32.99 21.15
CA LYS B 539 14.05 32.48 19.94
C LYS B 539 13.19 31.27 20.24
N LEU B 540 13.71 30.32 21.03
CA LEU B 540 12.93 29.16 21.42
C LEU B 540 11.75 29.54 22.29
N ARG B 541 11.93 30.48 23.23
CA ARG B 541 10.84 30.85 24.12
C ARG B 541 9.64 31.39 23.35
N LYS B 542 9.88 32.09 22.23
CA LYS B 542 8.78 32.64 21.46
C LYS B 542 7.93 31.53 20.87
N VAL B 543 8.56 30.45 20.42
CA VAL B 543 7.81 29.31 19.92
C VAL B 543 6.98 28.69 21.05
N LEU B 544 7.62 28.46 22.20
CA LEU B 544 6.94 27.71 23.25
C LEU B 544 5.74 28.48 23.80
N ARG B 545 5.85 29.82 23.93
CA ARG B 545 4.77 30.62 24.45
C ARG B 545 3.61 30.76 23.46
N ALA B 546 3.86 30.53 22.17
CA ALA B 546 2.78 30.66 21.19
C ALA B 546 1.78 29.52 21.28
N GLY B 547 2.19 28.36 21.76
CA GLY B 547 1.24 27.24 21.77
C GLY B 547 0.83 26.88 20.36
N SER B 548 -0.47 26.60 20.18
CA SER B 548 -1.07 26.39 18.87
C SER B 548 -1.92 27.58 18.44
N SER B 549 -1.58 28.76 18.94
CA SER B 549 -2.38 29.94 18.62
C SER B 549 -2.16 30.41 17.19
N ARG B 550 -1.00 30.13 16.60
CA ARG B 550 -0.71 30.51 15.24
C ARG B 550 -0.42 29.28 14.39
N PRO B 551 -0.70 29.34 13.09
CA PRO B 551 -0.40 28.19 12.22
C PRO B 551 1.05 27.80 12.37
N TRP B 552 1.31 26.47 12.45
CA TRP B 552 2.67 26.03 12.67
C TRP B 552 3.59 26.49 11.55
N GLN B 553 3.06 26.60 10.34
CA GLN B 553 3.84 27.09 9.21
C GLN B 553 4.34 28.50 9.47
N GLU B 554 3.48 29.37 10.04
CA GLU B 554 3.88 30.73 10.37
C GLU B 554 4.87 30.76 11.53
N VAL B 555 4.66 29.93 12.54
CA VAL B 555 5.60 29.87 13.66
C VAL B 555 6.96 29.40 13.18
N LEU B 556 6.98 28.40 12.30
CA LEU B 556 8.24 27.87 11.81
C LEU B 556 8.99 28.92 11.00
N LYS B 557 8.29 29.63 10.10
CA LYS B 557 8.94 30.65 9.29
C LYS B 557 9.59 31.71 10.17
N ASP B 558 8.90 32.11 11.25
CA ASP B 558 9.47 33.11 12.14
C ASP B 558 10.72 32.60 12.82
N MET B 559 10.80 31.29 13.07
CA MET B 559 11.94 30.74 13.80
C MET B 559 13.11 30.41 12.87
N VAL B 560 12.84 29.67 11.79
CA VAL B 560 13.90 29.18 10.93
C VAL B 560 13.93 29.87 9.58
N GLY B 561 12.95 30.72 9.27
CA GLY B 561 12.91 31.39 7.99
C GLY B 561 12.24 30.62 6.89
N LEU B 562 11.65 29.47 7.20
CA LEU B 562 10.97 28.63 6.23
C LEU B 562 9.64 28.20 6.83
N ASP B 563 8.61 28.13 5.99
CA ASP B 563 7.27 27.75 6.43
C ASP B 563 6.96 26.28 6.12
N ALA B 564 7.98 25.43 6.12
CA ALA B 564 7.72 24.02 5.83
C ALA B 564 8.87 23.17 6.36
N LEU B 565 8.53 21.92 6.66
CA LEU B 565 9.54 20.93 7.01
C LEU B 565 10.58 20.82 5.91
N ASP B 566 11.84 20.65 6.32
CA ASP B 566 12.97 20.67 5.39
C ASP B 566 14.02 19.72 5.93
N ALA B 567 14.49 18.82 5.07
CA ALA B 567 15.49 17.82 5.44
C ALA B 567 16.92 18.33 5.34
N GLN B 568 17.15 19.44 4.66
CA GLN B 568 18.52 19.88 4.43
C GLN B 568 19.29 20.09 5.72
N PRO B 569 18.73 20.67 6.79
CA PRO B 569 19.55 20.81 8.01
C PRO B 569 20.01 19.47 8.55
N LEU B 570 19.15 18.45 8.51
CA LEU B 570 19.59 17.14 8.95
C LEU B 570 20.70 16.63 8.05
N LEU B 571 20.55 16.81 6.74
CA LEU B 571 21.57 16.31 5.82
C LEU B 571 22.89 17.04 6.02
N LYS B 572 22.83 18.33 6.32
CA LYS B 572 24.04 19.12 6.56
C LYS B 572 24.74 18.67 7.85
N TYR B 573 23.97 18.46 8.91
CA TYR B 573 24.52 17.96 10.16
C TYR B 573 25.34 16.70 9.94
N PHE B 574 24.83 15.76 9.14
CA PHE B 574 25.44 14.44 8.99
C PHE B 574 26.36 14.32 7.78
N GLN B 575 26.48 15.36 6.97
CA GLN B 575 27.22 15.33 5.71
C GLN B 575 28.51 14.50 5.77
N LEU B 576 29.34 14.76 6.79
N LEU B 576 29.31 14.73 6.81
CA LEU B 576 30.64 14.10 6.85
CA LEU B 576 30.64 14.13 6.86
C LEU B 576 30.50 12.59 6.96
C LEU B 576 30.55 12.61 7.03
N VAL B 577 29.64 12.13 7.87
CA VAL B 577 29.51 10.68 8.07
C VAL B 577 28.71 10.03 6.95
N THR B 578 27.86 10.79 6.27
CA THR B 578 27.20 10.28 5.08
C THR B 578 28.23 9.92 4.01
N GLN B 579 29.16 10.83 3.76
CA GLN B 579 30.23 10.57 2.79
C GLN B 579 31.08 9.40 3.24
N TRP B 580 31.51 9.39 4.51
CA TRP B 580 32.34 8.31 5.02
C TRP B 580 31.63 6.95 4.88
N LEU B 581 30.34 6.88 5.25
CA LEU B 581 29.62 5.62 5.15
C LEU B 581 29.56 5.13 3.71
N GLN B 582 29.28 6.03 2.76
CA GLN B 582 29.26 5.64 1.37
C GLN B 582 30.60 5.05 0.95
N GLU B 583 31.70 5.70 1.35
CA GLU B 583 33.02 5.22 0.98
C GLU B 583 33.30 3.84 1.59
N GLN B 584 32.98 3.66 2.87
CA GLN B 584 33.17 2.36 3.52
C GLN B 584 32.39 1.28 2.77
N ASN B 585 31.13 1.55 2.49
CA ASN B 585 30.28 0.55 1.86
C ASN B 585 30.78 0.18 0.47
N GLN B 586 31.32 1.16 -0.27
CA GLN B 586 31.90 0.85 -1.58
C GLN B 586 33.15 0.00 -1.43
N GLN B 587 34.02 0.38 -0.51
CA GLN B 587 35.23 -0.40 -0.25
C GLN B 587 34.90 -1.84 0.10
N ASN B 588 33.89 -2.05 0.94
CA ASN B 588 33.50 -3.39 1.34
C ASN B 588 32.60 -4.07 0.32
N GLY B 589 32.31 -3.42 -0.80
CA GLY B 589 31.44 -4.02 -1.81
C GLY B 589 30.04 -4.34 -1.33
N GLU B 590 29.46 -3.49 -0.49
CA GLU B 590 28.13 -3.77 0.01
C GLU B 590 27.09 -3.62 -1.11
N VAL B 591 25.98 -4.32 -0.93
CA VAL B 591 24.74 -4.01 -1.63
C VAL B 591 23.91 -3.12 -0.71
N LEU B 592 23.50 -1.96 -1.20
CA LEU B 592 22.60 -1.14 -0.42
C LEU B 592 21.19 -1.72 -0.53
N GLY B 593 20.45 -1.69 0.57
CA GLY B 593 19.12 -2.28 0.56
C GLY B 593 19.17 -3.75 0.89
N TRP B 594 18.04 -4.42 0.64
CA TRP B 594 17.88 -5.82 1.03
C TRP B 594 17.12 -6.54 -0.06
N PRO B 595 17.75 -6.71 -1.23
CA PRO B 595 17.05 -7.36 -2.34
C PRO B 595 16.58 -8.78 -2.03
N GLU B 596 17.21 -9.47 -1.09
CA GLU B 596 16.71 -10.78 -0.66
C GLU B 596 15.67 -10.58 0.45
N TYR B 597 14.56 -9.95 0.06
CA TYR B 597 13.56 -9.46 0.99
C TYR B 597 12.80 -10.58 1.69
N GLN B 598 12.84 -11.80 1.15
CA GLN B 598 12.14 -12.93 1.72
C GLN B 598 12.95 -13.64 2.80
N TRP B 599 14.22 -13.29 2.98
CA TRP B 599 15.09 -14.03 3.86
C TRP B 599 14.72 -13.80 5.33
N HIS B 600 14.78 -14.88 6.11
CA HIS B 600 14.68 -14.86 7.56
C HIS B 600 15.76 -15.78 8.10
N PRO B 601 16.29 -15.50 9.28
CA PRO B 601 17.35 -16.34 9.82
C PRO B 601 16.82 -17.67 10.32
N PRO B 602 17.69 -18.67 10.41
CA PRO B 602 17.31 -19.94 11.04
C PRO B 602 17.15 -19.75 12.54
N LEU B 603 16.55 -20.76 13.17
CA LEU B 603 16.52 -20.82 14.62
C LEU B 603 17.84 -21.36 15.16
N PRO B 604 18.29 -20.86 16.31
CA PRO B 604 19.46 -21.50 16.96
C PRO B 604 19.14 -22.94 17.35
N ASP B 605 20.19 -23.75 17.47
CA ASP B 605 19.97 -25.15 17.84
C ASP B 605 19.49 -25.21 19.28
N ASN B 606 18.57 -26.13 19.53
CA ASN B 606 17.97 -26.28 20.85
C ASN B 606 17.63 -24.92 21.43
N TYR B 607 16.99 -24.10 20.60
CA TYR B 607 16.19 -22.97 21.05
C TYR B 607 14.73 -23.42 21.14
N PRO B 608 14.00 -23.09 22.21
CA PRO B 608 14.40 -22.23 23.32
C PRO B 608 15.19 -22.94 24.42
N GLU B 609 15.55 -24.20 24.20
CA GLU B 609 16.32 -24.95 25.18
C GLU B 609 17.68 -24.29 25.41
#